data_4HJL
#
_entry.id   4HJL
#
_cell.length_a   139.957
_cell.length_b   139.957
_cell.length_c   208.417
_cell.angle_alpha   90.000
_cell.angle_beta   90.000
_cell.angle_gamma   120.000
#
_symmetry.space_group_name_H-M   'H 3 2'
#
loop_
_entity.id
_entity.type
_entity.pdbx_description
1 polymer 'Naphthalene 1,2-dioxygenase subunit alpha'
2 polymer 'Naphthalene 1,2-dioxygenase subunit beta'
3 non-polymer 'FE2/S2 (INORGANIC) CLUSTER'
4 non-polymer 'FE (III) ION'
5 non-polymer 1-chloronaphthalene
6 non-polymer 1,2-ETHANEDIOL
7 non-polymer 'SULFATE ION'
8 water water
#
loop_
_entity_poly.entity_id
_entity_poly.type
_entity_poly.pdbx_seq_one_letter_code
_entity_poly.pdbx_strand_id
1 'polypeptide(L)'
;MNYNNKILVSESGLSQKHLIHGDEELFQHELKTIFARNWLFLTHDSLIPAPGDYVTAKMGIDEVIVSRQNDGSIRAFLNV
CRHRGKTLVSVEAGNAKGFVCSYHGWGFGSNGELQSVPFEKDLYGESLNKKCLGLKEVARVESFHGFIYGCFDQEAPPLM
DYLGDAAWYLEPMFKHSGGLELVGPPGKVVIKANWKAPAENFVGDAYHVGWTHASSLRSGESIFSSLAGNAALPPEGAGL
QMTSKYGSGMGVLWDGYSGVHSADLVPELMAFGGAKQERLNKEIGDVRARIYRSHLNCTVFPNNSMLTCSGVFKVWNPID
ANTTEVWTYAIVEKDMPEDLKRRLADSVQRTFGPAGFWESDDNDNMETASQNGKKYQSRDSDLLSNLGFGEDVYGDAVYP
GVVGKSAIGETSYRGFYRAYQAHVSSSNWAEFEHASSTWHTELTKT
;
A
2 'polypeptide(L)'
;INIQEDKLVSAHDAEEILRFFNCHDSALQQEATTLLTQEAHLLDIQAYRAWLEHCVGSEVQYQVISRELRAASERRYKLN
EAMNVYNENFQQLKVRVEHQLDPQNWGNSPKLRFTRFITNVQAAMDVNDKELLHIRSNVILHRARRGNQVDVFYAAREDK
WKRGEGGVRKLVQRFVDYPERILQTHNLMVFL
;
B
#
loop_
_chem_comp.id
_chem_comp.type
_chem_comp.name
_chem_comp.formula
15O non-polymer 1-chloronaphthalene 'C10 H7 Cl'
EDO non-polymer 1,2-ETHANEDIOL 'C2 H6 O2'
FE non-polymer 'FE (III) ION' 'Fe 3'
FES non-polymer 'FE2/S2 (INORGANIC) CLUSTER' 'Fe2 S2'
SO4 non-polymer 'SULFATE ION' 'O4 S -2'
#
# COMPACT_ATOMS: atom_id res chain seq x y z
N MET A 1 -23.81 22.10 5.68
CA MET A 1 -22.84 22.45 6.71
C MET A 1 -22.01 23.65 6.25
N ASN A 2 -21.83 24.64 7.12
CA ASN A 2 -21.02 25.80 6.79
C ASN A 2 -19.57 25.56 7.22
N TYR A 3 -18.69 25.28 6.27
CA TYR A 3 -17.32 24.89 6.61
C TYR A 3 -16.43 26.03 7.09
N ASN A 4 -16.88 27.27 6.90
CA ASN A 4 -16.17 28.42 7.45
C ASN A 4 -16.30 28.47 8.97
N ASN A 5 -17.46 28.05 9.46
CA ASN A 5 -17.84 28.23 10.84
C ASN A 5 -17.85 26.97 11.69
N LYS A 6 -18.18 25.84 11.07
CA LYS A 6 -18.32 24.58 11.80
C LYS A 6 -17.01 24.14 12.44
N ILE A 7 -17.02 23.94 13.75
CA ILE A 7 -15.85 23.45 14.45
C ILE A 7 -15.81 21.93 14.31
N LEU A 8 -15.09 21.44 13.31
CA LEU A 8 -14.92 19.99 13.11
C LEU A 8 -13.75 19.46 13.92
N VAL A 9 -12.77 20.32 14.18
CA VAL A 9 -11.62 19.99 15.00
C VAL A 9 -11.51 21.07 16.04
N SER A 10 -11.48 20.68 17.32
CA SER A 10 -11.43 21.66 18.40
C SER A 10 -10.05 22.30 18.52
N GLU A 11 -9.96 23.39 19.28
CA GLU A 11 -8.69 24.09 19.51
C GLU A 11 -7.56 23.12 19.92
N SER A 12 -6.39 23.35 19.32
CA SER A 12 -5.18 22.58 19.58
C SER A 12 -5.27 21.14 19.03
N GLY A 13 -6.29 20.88 18.23
CA GLY A 13 -6.46 19.56 17.65
C GLY A 13 -6.84 18.49 18.67
N LEU A 14 -7.41 18.91 19.79
CA LEU A 14 -7.67 18.01 20.92
C LEU A 14 -8.77 16.98 20.66
N SER A 15 -9.69 17.30 19.76
CA SER A 15 -10.75 16.37 19.40
C SER A 15 -11.28 16.67 18.01
N GLN A 16 -11.97 15.69 17.42
CA GLN A 16 -12.62 15.88 16.12
C GLN A 16 -14.02 15.29 16.16
N LYS A 17 -14.95 15.92 15.45
CA LYS A 17 -16.30 15.35 15.35
C LYS A 17 -16.24 14.04 14.57
N HIS A 18 -16.90 13.01 15.09
CA HIS A 18 -16.86 11.67 14.50
C HIS A 18 -17.40 11.67 13.07
N LEU A 19 -18.32 12.58 12.77
CA LEU A 19 -18.86 12.70 11.42
C LEU A 19 -17.79 12.90 10.35
N ILE A 20 -16.60 13.38 10.72
CA ILE A 20 -15.60 13.60 9.68
C ILE A 20 -15.23 12.30 8.95
N HIS A 21 -15.41 11.15 9.60
CA HIS A 21 -15.11 9.88 8.96
C HIS A 21 -16.27 9.31 8.13
N GLY A 22 -17.43 9.95 8.20
CA GLY A 22 -18.62 9.40 7.56
C GLY A 22 -19.41 10.31 6.63
N ASP A 23 -19.21 11.62 6.74
CA ASP A 23 -20.12 12.55 6.07
C ASP A 23 -19.75 12.72 4.59
N GLU A 24 -20.65 12.37 3.69
CA GLU A 24 -20.36 12.42 2.27
C GLU A 24 -20.26 13.86 1.73
N GLU A 25 -21.05 14.78 2.28
CA GLU A 25 -20.92 16.18 1.87
C GLU A 25 -19.53 16.70 2.23
N LEU A 26 -19.01 16.33 3.40
CA LEU A 26 -17.66 16.73 3.78
C LEU A 26 -16.62 16.05 2.87
N PHE A 27 -16.84 14.79 2.52
CA PHE A 27 -15.96 14.12 1.56
C PHE A 27 -15.88 14.92 0.26
N GLN A 28 -17.02 15.35 -0.26
CA GLN A 28 -17.04 16.15 -1.49
C GLN A 28 -16.28 17.46 -1.29
N HIS A 29 -16.45 18.05 -0.11
CA HIS A 29 -15.75 19.29 0.23
C HIS A 29 -14.24 19.08 0.34
N GLU A 30 -13.82 17.92 0.85
CA GLU A 30 -12.41 17.55 0.90
C GLU A 30 -11.79 17.42 -0.49
N LEU A 31 -12.56 16.98 -1.47
CA LEU A 31 -12.02 16.91 -2.83
C LEU A 31 -11.49 18.28 -3.25
N LYS A 32 -12.22 19.33 -2.89
CA LYS A 32 -11.83 20.70 -3.20
C LYS A 32 -10.73 21.25 -2.27
N THR A 33 -10.92 21.13 -0.97
CA THR A 33 -10.05 21.83 0.00
C THR A 33 -8.86 21.01 0.49
N ILE A 34 -8.91 19.69 0.31
CA ILE A 34 -7.79 18.83 0.67
C ILE A 34 -7.07 18.31 -0.58
N PHE A 35 -7.77 17.55 -1.41
CA PHE A 35 -7.12 16.86 -2.51
C PHE A 35 -6.76 17.74 -3.72
N ALA A 36 -7.56 18.77 -4.00
CA ALA A 36 -7.24 19.65 -5.12
C ALA A 36 -6.23 20.72 -4.73
N ARG A 37 -5.93 20.81 -3.43
CA ARG A 37 -5.09 21.88 -2.92
C ARG A 37 -3.69 21.46 -2.48
N ASN A 38 -3.56 20.20 -2.06
CA ASN A 38 -2.34 19.73 -1.43
C ASN A 38 -1.48 18.81 -2.30
N TRP A 39 -0.28 18.47 -1.82
CA TRP A 39 0.63 17.60 -2.56
C TRP A 39 0.27 16.14 -2.35
N LEU A 40 0.18 15.39 -3.45
CA LEU A 40 -0.26 14.00 -3.44
C LEU A 40 0.79 13.13 -4.10
N PHE A 41 1.03 11.94 -3.55
CA PHE A 41 2.05 11.08 -4.10
C PHE A 41 1.65 10.48 -5.45
N LEU A 42 2.58 10.53 -6.40
CA LEU A 42 2.36 9.99 -7.75
C LEU A 42 3.15 8.70 -8.02
N THR A 43 4.48 8.81 -7.99
CA THR A 43 5.32 7.70 -8.36
C THR A 43 6.74 7.95 -7.90
N HIS A 44 7.67 7.08 -8.29
CA HIS A 44 9.07 7.27 -7.99
C HIS A 44 9.86 7.23 -9.31
N ASP A 45 10.99 7.94 -9.35
CA ASP A 45 11.92 7.86 -10.49
C ASP A 45 12.16 6.41 -10.93
N SER A 46 12.28 5.51 -9.96
CA SER A 46 12.64 4.12 -10.22
C SER A 46 11.57 3.37 -11.01
N LEU A 47 10.36 3.91 -11.03
CA LEU A 47 9.25 3.28 -11.74
C LEU A 47 9.05 3.88 -13.14
N ILE A 48 9.54 5.09 -13.35
CA ILE A 48 9.52 5.69 -14.69
C ILE A 48 10.88 6.30 -15.07
N PRO A 49 11.92 5.47 -15.12
CA PRO A 49 13.28 6.02 -15.26
C PRO A 49 13.64 6.51 -16.66
N ALA A 50 13.02 5.94 -17.70
CA ALA A 50 13.43 6.20 -19.07
C ALA A 50 12.40 7.07 -19.82
N PRO A 51 12.87 7.86 -20.79
CA PRO A 51 11.94 8.68 -21.58
C PRO A 51 10.81 7.83 -22.17
N GLY A 52 9.58 8.32 -22.05
CA GLY A 52 8.43 7.57 -22.51
C GLY A 52 7.79 6.68 -21.46
N ASP A 53 8.51 6.38 -20.39
CA ASP A 53 7.92 5.55 -19.33
C ASP A 53 6.78 6.33 -18.69
N TYR A 54 5.68 5.64 -18.41
CA TYR A 54 4.56 6.30 -17.73
C TYR A 54 3.90 5.36 -16.74
N VAL A 55 3.18 5.94 -15.79
CA VAL A 55 2.27 5.17 -14.95
C VAL A 55 0.98 5.95 -14.82
N THR A 56 -0.08 5.28 -14.41
CA THR A 56 -1.27 6.00 -13.97
C THR A 56 -1.27 6.09 -12.44
N ALA A 57 -1.86 7.16 -11.93
CA ALA A 57 -1.96 7.38 -10.50
C ALA A 57 -3.28 8.05 -10.18
N LYS A 58 -3.77 7.88 -8.97
CA LYS A 58 -4.91 8.68 -8.51
C LYS A 58 -4.39 9.93 -7.82
N MET A 59 -5.11 11.04 -8.05
CA MET A 59 -4.96 12.25 -7.25
C MET A 59 -6.35 12.58 -6.75
N GLY A 60 -6.61 12.28 -5.48
CA GLY A 60 -7.99 12.32 -5.02
C GLY A 60 -8.79 11.28 -5.79
N ILE A 61 -9.96 11.63 -6.30
CA ILE A 61 -10.72 10.71 -7.15
C ILE A 61 -10.38 10.83 -8.62
N ASP A 62 -9.53 11.79 -8.97
CA ASP A 62 -9.10 11.93 -10.36
C ASP A 62 -7.99 10.95 -10.70
N GLU A 63 -7.89 10.58 -11.97
CA GLU A 63 -6.79 9.76 -12.43
C GLU A 63 -5.90 10.56 -13.36
N VAL A 64 -4.60 10.40 -13.18
CA VAL A 64 -3.62 11.09 -14.02
C VAL A 64 -2.63 10.11 -14.67
N ILE A 65 -2.08 10.54 -15.80
CA ILE A 65 -0.97 9.86 -16.46
C ILE A 65 0.28 10.64 -16.08
N VAL A 66 1.30 9.93 -15.61
CA VAL A 66 2.54 10.55 -15.14
C VAL A 66 3.66 10.04 -16.05
N SER A 67 4.27 10.95 -16.81
CA SER A 67 5.13 10.57 -17.92
C SER A 67 6.53 11.18 -17.87
N ARG A 68 7.55 10.35 -18.08
CA ARG A 68 8.92 10.85 -18.20
C ARG A 68 9.11 11.49 -19.56
N GLN A 69 9.47 12.76 -19.57
CA GLN A 69 9.68 13.54 -20.79
C GLN A 69 11.06 13.26 -21.37
N ASN A 70 11.26 13.63 -22.65
CA ASN A 70 12.55 13.44 -23.29
C ASN A 70 13.68 14.22 -22.63
N ASP A 71 13.33 15.34 -22.01
CA ASP A 71 14.33 16.18 -21.35
C ASP A 71 14.65 15.73 -19.93
N GLY A 72 14.05 14.62 -19.50
CA GLY A 72 14.34 14.06 -18.20
C GLY A 72 13.38 14.51 -17.12
N SER A 73 12.54 15.49 -17.43
CA SER A 73 11.54 15.94 -16.46
C SER A 73 10.34 15.01 -16.46
N ILE A 74 9.41 15.25 -15.54
CA ILE A 74 8.18 14.48 -15.44
C ILE A 74 7.01 15.45 -15.52
N ARG A 75 6.03 15.14 -16.36
CA ARG A 75 4.78 15.89 -16.42
C ARG A 75 3.61 14.94 -16.20
N ALA A 76 2.52 15.47 -15.66
CA ALA A 76 1.35 14.65 -15.35
C ALA A 76 0.10 15.32 -15.92
N PHE A 77 -0.82 14.52 -16.42
CA PHE A 77 -2.00 15.02 -17.10
C PHE A 77 -3.23 14.21 -16.70
N LEU A 78 -4.40 14.85 -16.69
CA LEU A 78 -5.65 14.11 -16.48
C LEU A 78 -5.78 13.02 -17.52
N ASN A 79 -6.17 11.83 -17.08
CA ASN A 79 -6.36 10.69 -17.96
C ASN A 79 -7.74 10.75 -18.64
N VAL A 80 -7.97 11.86 -19.33
CA VAL A 80 -9.28 12.18 -19.90
C VAL A 80 -9.09 12.84 -21.26
N CYS A 81 -9.67 12.24 -22.30
CA CYS A 81 -9.56 12.80 -23.64
C CYS A 81 -10.26 14.16 -23.75
N ARG A 82 -9.61 15.10 -24.46
CA ARG A 82 -10.14 16.47 -24.62
C ARG A 82 -11.30 16.59 -25.61
N HIS A 83 -11.63 15.51 -26.31
CA HIS A 83 -12.72 15.53 -27.27
C HIS A 83 -14.03 15.27 -26.52
N ARG A 84 -14.34 14.00 -26.26
CA ARG A 84 -15.56 13.69 -25.54
C ARG A 84 -15.39 12.91 -24.24
N GLY A 85 -14.20 13.04 -23.66
CA GLY A 85 -14.01 12.73 -22.25
C GLY A 85 -13.78 11.28 -21.88
N LYS A 86 -13.42 10.46 -22.87
CA LYS A 86 -13.14 9.04 -22.65
C LYS A 86 -11.83 8.88 -21.86
N THR A 87 -11.72 7.84 -21.05
CA THR A 87 -10.45 7.57 -20.36
C THR A 87 -9.37 7.15 -21.37
N LEU A 88 -8.27 7.89 -21.41
CA LEU A 88 -7.26 7.68 -22.44
C LEU A 88 -6.46 6.38 -22.24
N VAL A 89 -5.96 6.17 -21.02
CA VAL A 89 -5.06 5.05 -20.73
C VAL A 89 -5.72 4.05 -19.76
N SER A 90 -5.72 2.78 -20.16
CA SER A 90 -6.41 1.74 -19.39
C SER A 90 -5.45 0.81 -18.67
N VAL A 91 -4.15 1.03 -18.83
CA VAL A 91 -3.15 0.22 -18.15
C VAL A 91 -2.54 1.00 -17.00
N GLU A 92 -1.70 0.33 -16.21
CA GLU A 92 -1.13 0.94 -15.01
C GLU A 92 0.27 1.48 -15.24
N ALA A 93 0.98 0.92 -16.23
CA ALA A 93 2.35 1.31 -16.52
C ALA A 93 2.74 0.90 -17.93
N GLY A 94 3.72 1.58 -18.50
CA GLY A 94 4.21 1.21 -19.81
C GLY A 94 5.23 2.19 -20.34
N ASN A 95 5.53 2.07 -21.63
CA ASN A 95 6.40 3.03 -22.29
C ASN A 95 5.81 3.38 -23.65
N ALA A 96 5.62 4.68 -23.90
CA ALA A 96 5.02 5.13 -25.15
C ALA A 96 5.40 6.55 -25.45
N LYS A 97 5.33 6.93 -26.74
CA LYS A 97 5.58 8.31 -27.13
C LYS A 97 4.30 9.13 -27.09
N GLY A 98 3.19 8.45 -26.83
CA GLY A 98 1.91 9.10 -26.79
C GLY A 98 0.78 8.13 -26.51
N PHE A 99 -0.43 8.67 -26.51
CA PHE A 99 -1.61 7.92 -26.12
C PHE A 99 -2.73 8.24 -27.10
N VAL A 100 -3.30 7.20 -27.70
CA VAL A 100 -4.37 7.37 -28.66
C VAL A 100 -5.70 6.96 -28.03
N CYS A 101 -6.70 7.81 -28.19
CA CYS A 101 -8.01 7.53 -27.64
C CYS A 101 -8.76 6.48 -28.45
N SER A 102 -9.35 5.50 -27.76
CA SER A 102 -10.03 4.40 -28.43
C SER A 102 -11.43 4.76 -28.94
N TYR A 103 -11.87 5.99 -28.73
CA TYR A 103 -13.20 6.40 -29.16
C TYR A 103 -13.13 6.94 -30.60
N HIS A 104 -12.55 8.12 -30.79
CA HIS A 104 -12.40 8.67 -32.15
C HIS A 104 -10.94 8.82 -32.61
N GLY A 105 -10.01 8.25 -31.83
CA GLY A 105 -8.65 8.11 -32.32
C GLY A 105 -7.75 9.32 -32.18
N TRP A 106 -8.15 10.32 -31.40
CA TRP A 106 -7.27 11.46 -31.16
C TRP A 106 -5.97 11.01 -30.49
N GLY A 107 -4.85 11.58 -30.92
CA GLY A 107 -3.55 11.14 -30.45
C GLY A 107 -2.83 12.25 -29.70
N PHE A 108 -2.52 11.98 -28.43
CA PHE A 108 -1.83 12.94 -27.59
C PHE A 108 -0.40 12.50 -27.36
N GLY A 109 0.52 13.46 -27.28
CA GLY A 109 1.90 13.14 -27.01
C GLY A 109 2.13 12.83 -25.53
N SER A 110 3.30 12.26 -25.22
CA SER A 110 3.74 12.09 -23.83
C SER A 110 3.85 13.43 -23.12
N ASN A 111 3.90 14.51 -23.89
CA ASN A 111 3.94 15.87 -23.38
C ASN A 111 2.54 16.49 -23.27
N GLY A 112 1.51 15.67 -23.45
CA GLY A 112 0.13 16.12 -23.32
C GLY A 112 -0.45 16.84 -24.53
N GLU A 113 0.38 17.14 -25.52
CA GLU A 113 -0.08 17.93 -26.66
C GLU A 113 -0.99 17.10 -27.55
N LEU A 114 -2.01 17.73 -28.13
CA LEU A 114 -2.82 17.06 -29.15
C LEU A 114 -2.01 17.04 -30.45
N GLN A 115 -1.51 15.87 -30.81
CA GLN A 115 -0.59 15.77 -31.93
C GLN A 115 -1.26 15.35 -33.22
N SER A 116 -2.31 14.56 -33.12
CA SER A 116 -2.97 14.09 -34.33
C SER A 116 -4.44 13.84 -34.13
N VAL A 117 -5.19 14.08 -35.19
CA VAL A 117 -6.62 13.94 -35.19
C VAL A 117 -6.93 13.22 -36.50
N PRO A 118 -7.60 12.06 -36.43
CA PRO A 118 -7.85 11.32 -37.68
C PRO A 118 -8.58 12.14 -38.72
N PHE A 119 -8.03 12.16 -39.93
CA PHE A 119 -8.63 12.86 -41.06
C PHE A 119 -8.85 14.35 -40.79
N GLU A 120 -7.92 14.94 -40.04
CA GLU A 120 -8.08 16.34 -39.63
C GLU A 120 -8.33 17.26 -40.82
N LYS A 121 -7.52 17.13 -41.87
CA LYS A 121 -7.65 18.01 -43.02
C LYS A 121 -9.04 17.94 -43.64
N ASP A 122 -9.54 16.72 -43.83
CA ASP A 122 -10.83 16.53 -44.49
C ASP A 122 -12.01 16.92 -43.62
N LEU A 123 -11.86 16.77 -42.30
CA LEU A 123 -12.98 16.96 -41.38
C LEU A 123 -13.01 18.36 -40.78
N TYR A 124 -11.90 18.74 -40.14
CA TYR A 124 -11.82 20.02 -39.46
C TYR A 124 -11.22 21.11 -40.32
N GLY A 125 -10.52 20.71 -41.37
CA GLY A 125 -9.77 21.68 -42.18
C GLY A 125 -8.69 22.31 -41.33
N GLU A 126 -8.66 23.65 -41.31
CA GLU A 126 -7.69 24.37 -40.48
C GLU A 126 -8.32 24.89 -39.20
N SER A 127 -9.56 24.46 -38.93
CA SER A 127 -10.37 25.11 -37.88
C SER A 127 -10.18 24.55 -36.47
N LEU A 128 -9.52 23.41 -36.34
CA LEU A 128 -9.32 22.83 -35.02
C LEU A 128 -8.05 23.41 -34.43
N ASN A 129 -8.18 24.09 -33.30
CA ASN A 129 -7.01 24.69 -32.67
C ASN A 129 -6.37 23.72 -31.67
N LYS A 130 -5.53 22.83 -32.20
CA LYS A 130 -4.94 21.77 -31.41
C LYS A 130 -4.06 22.28 -30.27
N LYS A 131 -3.45 23.44 -30.45
CA LYS A 131 -2.65 24.08 -29.39
C LYS A 131 -3.44 24.31 -28.10
N CYS A 132 -4.75 24.43 -28.20
CA CYS A 132 -5.59 24.69 -27.04
C CYS A 132 -6.28 23.44 -26.54
N LEU A 133 -5.89 22.29 -27.12
CA LEU A 133 -6.56 21.03 -26.81
C LEU A 133 -5.63 20.00 -26.20
N GLY A 134 -4.57 20.46 -25.55
CA GLY A 134 -3.70 19.56 -24.82
C GLY A 134 -4.41 19.00 -23.59
N LEU A 135 -3.95 17.84 -23.12
CA LEU A 135 -4.52 17.25 -21.92
C LEU A 135 -4.43 18.21 -20.75
N LYS A 136 -5.42 18.17 -19.87
CA LYS A 136 -5.42 19.06 -18.71
C LYS A 136 -4.25 18.69 -17.79
N GLU A 137 -3.32 19.63 -17.61
CA GLU A 137 -2.06 19.30 -16.97
C GLU A 137 -2.08 19.58 -15.47
N VAL A 138 -1.50 18.67 -14.69
CA VAL A 138 -1.28 18.91 -13.27
C VAL A 138 -0.30 20.08 -13.13
N ALA A 139 -0.72 21.14 -12.43
CA ALA A 139 0.02 22.39 -12.39
C ALA A 139 1.43 22.26 -11.81
N ARG A 140 1.57 21.43 -10.78
CA ARG A 140 2.83 21.33 -10.06
C ARG A 140 3.25 19.88 -9.92
N VAL A 141 4.49 19.59 -10.31
CA VAL A 141 5.07 18.26 -10.14
C VAL A 141 6.49 18.44 -9.63
N GLU A 142 6.77 17.90 -8.46
CA GLU A 142 8.08 18.08 -7.83
C GLU A 142 8.59 16.78 -7.22
N SER A 143 9.89 16.72 -6.98
CA SER A 143 10.53 15.52 -6.47
C SER A 143 11.14 15.75 -5.10
N PHE A 144 10.98 14.77 -4.21
CA PHE A 144 11.73 14.70 -2.96
C PHE A 144 12.60 13.44 -3.04
N HIS A 145 13.86 13.61 -3.44
CA HIS A 145 14.82 12.50 -3.57
C HIS A 145 14.28 11.31 -4.34
N GLY A 146 13.62 11.60 -5.45
CA GLY A 146 13.12 10.56 -6.33
C GLY A 146 11.64 10.28 -6.17
N PHE A 147 11.07 10.69 -5.05
CA PHE A 147 9.64 10.49 -4.80
C PHE A 147 8.89 11.67 -5.40
N ILE A 148 7.99 11.37 -6.34
CA ILE A 148 7.36 12.39 -7.18
C ILE A 148 5.96 12.67 -6.67
N TYR A 149 5.68 13.94 -6.39
CA TYR A 149 4.38 14.39 -5.90
C TYR A 149 3.78 15.38 -6.88
N GLY A 150 2.45 15.44 -6.92
CA GLY A 150 1.76 16.39 -7.77
C GLY A 150 0.80 17.24 -6.98
N CYS A 151 0.48 18.41 -7.51
CA CYS A 151 -0.50 19.29 -6.88
C CYS A 151 -1.26 20.04 -7.97
N PHE A 152 -2.59 20.01 -7.89
CA PHE A 152 -3.41 20.72 -8.87
C PHE A 152 -3.41 22.24 -8.69
N ASP A 153 -2.98 22.70 -7.52
CA ASP A 153 -3.06 24.12 -7.16
C ASP A 153 -1.71 24.82 -7.38
N GLN A 154 -1.66 25.70 -8.37
CA GLN A 154 -0.44 26.45 -8.70
C GLN A 154 0.08 27.26 -7.51
N GLU A 155 -0.80 27.59 -6.57
CA GLU A 155 -0.45 28.46 -5.43
C GLU A 155 0.20 27.74 -4.25
N ALA A 156 0.29 26.41 -4.32
CA ALA A 156 0.86 25.62 -3.22
C ALA A 156 2.30 26.00 -2.93
N PRO A 157 2.74 25.82 -1.67
CA PRO A 157 4.17 25.98 -1.37
C PRO A 157 4.97 24.93 -2.13
N PRO A 158 6.27 25.19 -2.37
CA PRO A 158 7.11 24.15 -2.95
C PRO A 158 7.06 22.91 -2.05
N LEU A 159 7.22 21.74 -2.64
CA LEU A 159 7.10 20.49 -1.89
C LEU A 159 8.02 20.47 -0.66
N MET A 160 9.26 20.96 -0.81
CA MET A 160 10.20 20.96 0.30
C MET A 160 9.68 21.80 1.47
N ASP A 161 9.13 22.97 1.17
CA ASP A 161 8.57 23.82 2.22
C ASP A 161 7.32 23.21 2.83
N TYR A 162 6.53 22.53 2.00
CA TYR A 162 5.33 21.86 2.45
C TYR A 162 5.62 20.74 3.44
N LEU A 163 6.73 20.04 3.24
CA LEU A 163 7.15 19.00 4.18
C LEU A 163 7.52 19.61 5.54
N GLY A 164 7.88 20.89 5.53
CA GLY A 164 8.18 21.62 6.76
C GLY A 164 9.19 20.89 7.63
N ASP A 165 8.92 20.84 8.92
CA ASP A 165 9.84 20.21 9.86
C ASP A 165 9.98 18.70 9.68
N ALA A 166 9.05 18.06 8.97
CA ALA A 166 9.17 16.62 8.72
C ALA A 166 10.36 16.29 7.82
N ALA A 167 10.73 17.20 6.92
CA ALA A 167 11.83 16.91 5.97
C ALA A 167 13.12 16.54 6.69
N TRP A 168 13.43 17.24 7.78
CA TRP A 168 14.65 16.98 8.53
C TRP A 168 14.76 15.54 9.00
N TYR A 169 13.63 14.96 9.42
CA TYR A 169 13.60 13.59 9.89
C TYR A 169 13.72 12.59 8.75
N LEU A 170 13.16 12.91 7.59
CA LEU A 170 13.17 12.00 6.44
C LEU A 170 14.51 11.97 5.72
N GLU A 171 15.24 13.09 5.75
CA GLU A 171 16.45 13.21 4.96
C GLU A 171 17.54 12.15 5.20
N PRO A 172 17.79 11.75 6.47
CA PRO A 172 18.83 10.72 6.61
C PRO A 172 18.56 9.46 5.78
N MET A 173 17.33 8.96 5.80
CA MET A 173 16.97 7.79 4.99
C MET A 173 16.73 8.12 3.52
N PHE A 174 16.10 9.25 3.22
CA PHE A 174 15.73 9.57 1.83
C PHE A 174 16.90 10.12 1.01
N LYS A 175 17.81 10.83 1.69
CA LYS A 175 18.92 11.47 1.01
C LYS A 175 20.25 10.86 1.39
N HIS A 176 20.57 10.87 2.67
CA HIS A 176 21.93 10.57 3.10
C HIS A 176 22.31 9.10 3.03
N SER A 177 21.30 8.24 2.91
CA SER A 177 21.52 6.81 2.74
C SER A 177 22.05 6.48 1.35
N GLY A 178 22.10 7.48 0.47
CA GLY A 178 22.46 7.26 -0.92
C GLY A 178 21.25 7.16 -1.82
N GLY A 179 20.06 7.18 -1.22
CA GLY A 179 18.83 7.16 -1.99
C GLY A 179 18.03 5.88 -1.89
N LEU A 180 16.72 6.02 -2.04
CA LEU A 180 15.80 4.90 -2.00
C LEU A 180 15.25 4.60 -3.39
N GLU A 181 14.76 3.38 -3.56
CA GLU A 181 14.01 2.98 -4.74
C GLU A 181 12.65 2.49 -4.29
N LEU A 182 11.64 2.73 -5.13
CA LEU A 182 10.32 2.19 -4.87
C LEU A 182 10.21 0.90 -5.69
N VAL A 183 9.86 -0.20 -5.02
CA VAL A 183 9.68 -1.48 -5.70
C VAL A 183 8.20 -1.65 -5.99
N GLY A 184 7.87 -1.75 -7.28
CA GLY A 184 6.51 -1.96 -7.71
C GLY A 184 6.39 -3.36 -8.29
N PRO A 185 5.20 -3.71 -8.79
CA PRO A 185 3.99 -2.90 -8.72
C PRO A 185 3.42 -2.94 -7.31
N PRO A 186 2.54 -2.00 -6.98
CA PRO A 186 1.98 -2.00 -5.62
C PRO A 186 0.89 -3.05 -5.48
N GLY A 187 0.64 -3.52 -4.26
CA GLY A 187 -0.60 -4.20 -3.97
C GLY A 187 -1.73 -3.18 -3.99
N LYS A 188 -2.94 -3.60 -4.36
CA LYS A 188 -4.11 -2.70 -4.37
C LYS A 188 -5.33 -3.40 -3.78
N VAL A 189 -5.89 -2.83 -2.72
CA VAL A 189 -7.05 -3.41 -2.04
C VAL A 189 -7.99 -2.29 -1.59
N VAL A 190 -9.29 -2.55 -1.70
CA VAL A 190 -10.28 -1.60 -1.18
C VAL A 190 -10.68 -1.97 0.25
N ILE A 191 -10.60 -0.99 1.14
CA ILE A 191 -11.15 -1.17 2.49
C ILE A 191 -12.33 -0.23 2.72
N LYS A 192 -13.21 -0.62 3.63
CA LYS A 192 -14.41 0.15 3.90
C LYS A 192 -14.17 1.14 5.05
N ALA A 193 -13.16 1.98 4.86
CA ALA A 193 -12.77 2.97 5.83
C ALA A 193 -12.58 4.32 5.14
N ASN A 194 -12.71 5.38 5.91
CA ASN A 194 -12.35 6.72 5.46
C ASN A 194 -10.84 6.81 5.33
N TRP A 195 -10.36 7.58 4.35
CA TRP A 195 -8.93 7.71 4.12
C TRP A 195 -8.19 8.26 5.35
N LYS A 196 -8.89 9.03 6.18
CA LYS A 196 -8.27 9.65 7.34
C LYS A 196 -7.97 8.62 8.44
N ALA A 197 -8.69 7.50 8.44
CA ALA A 197 -8.45 6.50 9.47
C ALA A 197 -7.04 5.88 9.38
N PRO A 198 -6.65 5.36 8.20
CA PRO A 198 -5.25 4.90 8.16
C PRO A 198 -4.23 6.06 8.17
N ALA A 199 -4.58 7.21 7.61
CA ALA A 199 -3.66 8.35 7.62
C ALA A 199 -3.32 8.77 9.05
N GLU A 200 -4.33 8.84 9.91
CA GLU A 200 -4.08 9.27 11.30
C GLU A 200 -3.31 8.19 12.05
N ASN A 201 -3.57 6.92 11.70
CA ASN A 201 -2.93 5.80 12.37
C ASN A 201 -1.43 5.80 12.09
N PHE A 202 -1.05 5.94 10.82
CA PHE A 202 0.38 5.99 10.47
C PHE A 202 1.08 7.27 10.92
N VAL A 203 0.36 8.39 11.00
CA VAL A 203 1.04 9.65 11.33
C VAL A 203 1.47 9.68 12.79
N GLY A 204 0.73 9.00 13.67
CA GLY A 204 0.97 9.22 15.08
C GLY A 204 0.53 8.20 16.09
N ASP A 205 0.16 7.00 15.64
CA ASP A 205 -0.45 6.02 16.54
C ASP A 205 0.51 4.91 16.92
N ALA A 206 1.35 5.14 17.92
CA ALA A 206 2.16 4.06 18.48
C ALA A 206 1.38 3.32 19.58
N TYR A 207 0.40 4.01 20.16
CA TYR A 207 -0.40 3.45 21.26
C TYR A 207 -1.08 2.14 20.84
N HIS A 208 -1.55 2.06 19.59
CA HIS A 208 -2.31 0.88 19.17
C HIS A 208 -1.47 -0.37 18.95
N VAL A 209 -0.16 -0.21 18.78
CA VAL A 209 0.66 -1.31 18.28
C VAL A 209 0.63 -2.59 19.14
N GLY A 210 0.89 -2.47 20.43
CA GLY A 210 0.91 -3.63 21.30
C GLY A 210 -0.40 -4.39 21.40
N TRP A 211 -1.51 -3.65 21.33
CA TRP A 211 -2.82 -4.27 21.47
C TRP A 211 -3.41 -4.73 20.13
N THR A 212 -3.54 -3.82 19.19
CA THR A 212 -4.03 -4.17 17.84
C THR A 212 -3.20 -5.29 17.22
N HIS A 213 -1.88 -5.16 17.31
CA HIS A 213 -0.98 -6.08 16.61
C HIS A 213 -0.41 -7.15 17.52
N ALA A 214 -1.06 -7.39 18.66
CA ALA A 214 -0.63 -8.42 19.61
C ALA A 214 -0.28 -9.74 18.93
N SER A 215 -1.20 -10.25 18.11
CA SER A 215 -0.99 -11.52 17.44
C SER A 215 0.17 -11.49 16.43
N SER A 216 0.33 -10.38 15.71
CA SER A 216 1.40 -10.27 14.72
C SER A 216 2.75 -10.11 15.40
N LEU A 217 2.78 -9.35 16.48
CA LEU A 217 3.99 -9.22 17.29
C LEU A 217 4.40 -10.58 17.86
N ARG A 218 3.45 -11.31 18.42
CA ARG A 218 3.74 -12.60 19.06
C ARG A 218 4.16 -13.66 18.04
N SER A 219 3.58 -13.61 16.83
CA SER A 219 3.78 -14.63 15.79
C SER A 219 5.00 -14.43 14.91
N GLY A 220 5.36 -13.17 14.63
CA GLY A 220 6.45 -12.89 13.71
C GLY A 220 7.83 -12.74 14.34
N GLU A 221 7.89 -12.38 15.61
CA GLU A 221 9.17 -12.27 16.34
C GLU A 221 10.05 -11.12 15.84
N SER A 222 9.41 -10.10 15.31
CA SER A 222 10.10 -8.88 14.89
C SER A 222 10.73 -8.14 16.09
N ILE A 223 11.51 -7.08 15.85
CA ILE A 223 12.17 -6.41 16.98
C ILE A 223 11.28 -5.59 17.91
N PHE A 224 10.09 -5.20 17.46
CA PHE A 224 9.17 -4.49 18.34
C PHE A 224 8.30 -5.45 19.15
N SER A 225 8.68 -6.73 19.15
CA SER A 225 7.81 -7.78 19.68
C SER A 225 7.54 -7.75 21.18
N SER A 226 8.38 -7.08 21.95
CA SER A 226 8.18 -6.98 23.39
C SER A 226 6.85 -6.31 23.73
N LEU A 227 6.23 -5.69 22.74
CA LEU A 227 5.02 -4.93 22.93
C LEU A 227 3.75 -5.81 22.93
N ALA A 228 3.86 -7.06 22.46
CA ALA A 228 2.67 -7.90 22.24
C ALA A 228 1.71 -7.98 23.43
N GLY A 229 0.44 -7.65 23.18
CA GLY A 229 -0.58 -7.72 24.21
C GLY A 229 -0.38 -6.71 25.35
N ASN A 230 0.32 -5.62 25.05
CA ASN A 230 0.69 -4.63 26.07
C ASN A 230 1.46 -5.24 27.24
N ALA A 231 2.29 -6.23 26.94
CA ALA A 231 3.08 -6.91 27.95
C ALA A 231 4.16 -6.00 28.50
N ALA A 232 4.59 -5.04 27.70
CA ALA A 232 5.66 -4.13 28.11
C ALA A 232 5.52 -2.78 27.44
N LEU A 233 5.80 -1.72 28.19
CA LEU A 233 5.82 -0.38 27.64
C LEU A 233 7.25 -0.10 27.22
N PRO A 234 7.44 0.55 26.05
CA PRO A 234 8.77 0.99 25.63
C PRO A 234 9.44 1.79 26.74
N PRO A 235 10.76 1.64 26.91
CA PRO A 235 11.48 2.37 27.96
C PRO A 235 11.44 3.87 27.71
N GLU A 236 11.74 4.70 28.72
CA GLU A 236 11.84 6.14 28.47
C GLU A 236 12.89 6.35 27.40
N GLY A 237 12.71 7.40 26.60
CA GLY A 237 13.69 7.73 25.58
C GLY A 237 13.68 6.75 24.43
N ALA A 238 12.66 5.90 24.36
CA ALA A 238 12.55 4.93 23.27
C ALA A 238 12.18 5.61 21.96
N GLY A 239 11.64 6.81 22.05
CA GLY A 239 11.26 7.49 20.83
C GLY A 239 10.65 8.86 21.06
N LEU A 240 10.18 9.46 19.97
CA LEU A 240 9.53 10.76 20.04
C LEU A 240 8.47 10.88 18.97
N GLN A 241 7.69 11.96 19.04
CA GLN A 241 6.68 12.26 18.04
C GLN A 241 6.90 13.67 17.53
N MET A 242 6.56 13.90 16.27
CA MET A 242 6.65 15.25 15.74
C MET A 242 5.51 15.58 14.79
N THR A 243 5.26 16.87 14.63
CA THR A 243 4.32 17.34 13.63
C THR A 243 4.77 18.69 13.09
N SER A 244 4.07 19.17 12.08
CA SER A 244 4.55 20.29 11.28
C SER A 244 3.41 21.17 10.83
N LYS A 245 3.76 22.33 10.28
CA LYS A 245 2.80 23.35 9.91
C LYS A 245 1.75 22.88 8.89
N TYR A 246 2.20 22.15 7.88
CA TYR A 246 1.32 21.75 6.80
C TYR A 246 0.72 20.36 7.00
N GLY A 247 0.90 19.81 8.20
CA GLY A 247 0.14 18.64 8.61
C GLY A 247 0.88 17.32 8.66
N SER A 248 2.03 17.26 8.00
CA SER A 248 2.84 16.03 8.00
C SER A 248 3.43 15.81 9.38
N GLY A 249 3.58 14.55 9.76
CA GLY A 249 4.16 14.23 11.05
C GLY A 249 4.60 12.79 11.08
N MET A 250 5.23 12.40 12.19
CA MET A 250 5.68 11.03 12.35
C MET A 250 6.07 10.70 13.77
N GLY A 251 6.10 9.40 14.04
CA GLY A 251 6.74 8.87 15.22
C GLY A 251 8.13 8.39 14.86
N VAL A 252 9.01 8.43 15.85
CA VAL A 252 10.38 7.94 15.71
C VAL A 252 10.58 6.90 16.80
N LEU A 253 10.89 5.67 16.41
CA LEU A 253 11.24 4.64 17.39
C LEU A 253 12.74 4.38 17.24
N TRP A 254 13.52 4.82 18.22
CA TRP A 254 14.98 4.77 18.11
C TRP A 254 15.51 3.38 17.79
N ASP A 255 16.39 3.30 16.79
CA ASP A 255 17.19 2.13 16.47
C ASP A 255 16.44 0.96 15.81
N GLY A 256 15.15 1.10 15.61
CA GLY A 256 14.32 -0.01 15.15
C GLY A 256 14.42 -0.32 13.66
N TYR A 257 15.65 -0.54 13.20
CA TYR A 257 15.94 -0.64 11.78
C TYR A 257 15.35 -1.88 11.09
N SER A 258 15.15 -2.96 11.82
CA SER A 258 14.51 -4.12 11.20
C SER A 258 12.98 -4.05 11.23
N GLY A 259 12.44 -3.08 11.96
CA GLY A 259 11.02 -2.78 11.92
C GLY A 259 10.11 -3.99 12.14
N VAL A 260 9.15 -4.18 11.25
CA VAL A 260 8.19 -5.26 11.42
C VAL A 260 8.67 -6.58 10.83
N HIS A 261 9.87 -6.60 10.24
CA HIS A 261 10.35 -7.80 9.58
C HIS A 261 10.62 -8.95 10.54
N SER A 262 10.18 -10.14 10.13
CA SER A 262 10.28 -11.30 11.00
C SER A 262 11.73 -11.66 11.23
N ALA A 263 11.98 -12.50 12.22
CA ALA A 263 13.32 -12.87 12.63
C ALA A 263 14.23 -13.30 11.48
N ASP A 264 13.64 -13.77 10.38
CA ASP A 264 14.44 -14.18 9.23
C ASP A 264 15.26 -13.06 8.57
N LEU A 265 14.92 -11.80 8.82
CA LEU A 265 15.62 -10.65 8.23
C LEU A 265 16.33 -9.78 9.27
N VAL A 266 16.04 -10.02 10.54
CA VAL A 266 16.53 -9.15 11.61
C VAL A 266 18.07 -9.02 11.67
N PRO A 267 18.82 -10.14 11.70
CA PRO A 267 20.27 -9.96 11.82
C PRO A 267 20.90 -9.24 10.63
N GLU A 268 20.43 -9.57 9.43
CA GLU A 268 20.95 -8.99 8.20
C GLU A 268 20.68 -7.49 8.17
N LEU A 269 19.46 -7.11 8.49
CA LEU A 269 19.10 -5.70 8.48
C LEU A 269 19.83 -4.93 9.57
N MET A 270 19.84 -5.46 10.80
CA MET A 270 20.49 -4.75 11.89
C MET A 270 21.99 -4.55 11.62
N ALA A 271 22.60 -5.50 10.91
CA ALA A 271 23.99 -5.35 10.49
C ALA A 271 24.15 -4.26 9.43
N PHE A 272 23.28 -4.27 8.42
CA PHE A 272 23.36 -3.33 7.30
C PHE A 272 23.15 -1.88 7.75
N GLY A 273 22.07 -1.65 8.50
CA GLY A 273 21.76 -0.32 9.00
C GLY A 273 22.82 0.21 9.95
N GLY A 274 23.34 -0.66 10.81
CA GLY A 274 24.38 -0.25 11.73
C GLY A 274 25.67 0.14 11.03
N ALA A 275 26.00 -0.59 9.97
CA ALA A 275 27.21 -0.29 9.20
C ALA A 275 27.09 1.06 8.50
N LYS A 276 25.93 1.33 7.93
CA LYS A 276 25.78 2.61 7.23
C LYS A 276 25.74 3.75 8.23
N GLN A 277 25.10 3.52 9.38
CA GLN A 277 25.09 4.51 10.45
C GLN A 277 26.50 4.94 10.86
N GLU A 278 27.41 3.97 10.97
CA GLU A 278 28.77 4.29 11.36
C GLU A 278 29.45 5.22 10.35
N ARG A 279 29.15 5.03 9.06
CA ARG A 279 29.68 5.91 8.03
C ARG A 279 29.02 7.29 8.10
N LEU A 280 27.72 7.30 8.37
CA LEU A 280 26.95 8.54 8.40
C LEU A 280 27.28 9.45 9.60
N ASN A 281 27.74 8.87 10.70
CA ASN A 281 28.14 9.66 11.87
C ASN A 281 29.04 10.83 11.46
N LYS A 282 30.02 10.53 10.62
CA LYS A 282 31.03 11.51 10.20
C LYS A 282 30.46 12.56 9.25
N GLU A 283 29.39 12.21 8.55
CA GLU A 283 28.82 13.06 7.52
C GLU A 283 27.73 13.99 8.04
N ILE A 284 26.78 13.44 8.80
CA ILE A 284 25.62 14.19 9.23
C ILE A 284 25.47 14.30 10.74
N GLY A 285 26.40 13.72 11.48
CA GLY A 285 26.37 13.78 12.93
C GLY A 285 25.70 12.57 13.54
N ASP A 286 25.98 12.32 14.82
CA ASP A 286 25.48 11.12 15.48
C ASP A 286 23.96 11.05 15.53
N VAL A 287 23.30 12.16 15.90
CA VAL A 287 21.85 12.15 16.04
C VAL A 287 21.17 11.81 14.71
N ARG A 288 21.56 12.47 13.64
CA ARG A 288 20.92 12.26 12.35
C ARG A 288 21.26 10.89 11.76
N ALA A 289 22.48 10.41 12.00
CA ALA A 289 22.85 9.06 11.58
C ALA A 289 22.02 8.03 12.32
N ARG A 290 21.67 8.33 13.57
CA ARG A 290 20.82 7.43 14.34
C ARG A 290 19.38 7.48 13.83
N ILE A 291 18.89 8.66 13.49
CA ILE A 291 17.57 8.80 12.88
C ILE A 291 17.46 7.95 11.60
N TYR A 292 18.51 7.93 10.79
CA TYR A 292 18.53 7.12 9.58
C TYR A 292 18.10 5.69 9.88
N ARG A 293 18.68 5.10 10.92
CA ARG A 293 18.38 3.70 11.23
C ARG A 293 17.33 3.54 12.34
N SER A 294 16.48 4.56 12.47
CA SER A 294 15.35 4.51 13.39
C SER A 294 14.04 4.42 12.61
N HIS A 295 13.08 3.71 13.20
CA HIS A 295 11.82 3.40 12.52
C HIS A 295 10.92 4.63 12.55
N LEU A 296 10.59 5.16 11.37
CA LEU A 296 9.71 6.33 11.30
C LEU A 296 8.35 5.92 10.76
N ASN A 297 7.30 6.14 11.55
CA ASN A 297 5.93 5.99 11.04
C ASN A 297 5.42 7.38 10.69
N CYS A 298 5.26 7.63 9.40
CA CYS A 298 5.02 8.99 8.90
C CYS A 298 3.82 9.08 7.97
N THR A 299 3.07 10.16 8.10
CA THR A 299 2.15 10.55 7.04
C THR A 299 2.60 11.87 6.44
N VAL A 300 2.79 11.87 5.13
CA VAL A 300 2.95 13.10 4.36
C VAL A 300 1.53 13.53 3.99
N PHE A 301 1.08 14.62 4.61
CA PHE A 301 -0.28 15.11 4.46
C PHE A 301 -0.62 15.27 2.98
N PRO A 302 -1.84 14.86 2.58
CA PRO A 302 -2.89 14.28 3.42
C PRO A 302 -2.89 12.75 3.54
N ASN A 303 -2.55 12.04 2.46
CA ASN A 303 -2.91 10.63 2.36
C ASN A 303 -1.81 9.70 1.86
N ASN A 304 -0.55 10.07 2.12
CA ASN A 304 0.61 9.23 1.82
C ASN A 304 1.29 8.86 3.13
N SER A 305 1.45 7.57 3.41
CA SER A 305 2.11 7.16 4.65
C SER A 305 3.26 6.20 4.39
N MET A 306 4.09 6.00 5.39
CA MET A 306 5.21 5.10 5.24
C MET A 306 5.71 4.64 6.60
N LEU A 307 6.39 3.51 6.59
CA LEU A 307 7.19 3.05 7.72
C LEU A 307 8.60 2.92 7.20
N THR A 308 9.50 3.84 7.54
CA THR A 308 10.89 3.67 7.08
C THR A 308 11.48 2.48 7.82
N CYS A 309 12.51 1.89 7.22
CA CYS A 309 13.19 0.71 7.77
C CYS A 309 12.38 -0.57 7.58
N SER A 310 11.13 -0.55 8.01
CA SER A 310 10.21 -1.61 7.59
C SER A 310 10.08 -1.55 6.08
N GLY A 311 10.09 -0.35 5.53
CA GLY A 311 10.03 -0.20 4.09
C GLY A 311 8.63 -0.20 3.50
N VAL A 312 7.63 0.09 4.31
CA VAL A 312 6.25 0.10 3.84
C VAL A 312 5.90 1.49 3.29
N PHE A 313 5.29 1.56 2.12
CA PHE A 313 4.93 2.83 1.51
C PHE A 313 3.49 2.74 1.02
N LYS A 314 2.63 3.64 1.50
CA LYS A 314 1.19 3.57 1.32
C LYS A 314 0.57 4.81 0.68
N VAL A 315 -0.42 4.59 -0.18
CA VAL A 315 -1.30 5.68 -0.60
C VAL A 315 -2.71 5.29 -0.22
N TRP A 316 -3.39 6.16 0.52
CA TRP A 316 -4.78 5.93 0.92
C TRP A 316 -5.66 6.70 -0.04
N ASN A 317 -5.98 6.06 -1.17
CA ASN A 317 -6.73 6.74 -2.23
C ASN A 317 -8.22 6.84 -1.92
N PRO A 318 -8.76 8.07 -1.86
CA PRO A 318 -10.14 8.24 -1.42
C PRO A 318 -11.14 7.82 -2.50
N ILE A 319 -12.21 7.12 -2.10
CA ILE A 319 -13.28 6.78 -3.04
C ILE A 319 -14.60 7.43 -2.62
N ASP A 320 -14.99 7.21 -1.36
CA ASP A 320 -16.08 7.95 -0.75
C ASP A 320 -15.83 7.98 0.77
N ALA A 321 -16.75 8.52 1.56
CA ALA A 321 -16.46 8.66 2.99
C ALA A 321 -16.13 7.37 3.71
N ASN A 322 -16.64 6.23 3.22
CA ASN A 322 -16.34 4.96 3.86
C ASN A 322 -15.69 3.97 2.89
N THR A 323 -14.96 4.47 1.90
CA THR A 323 -14.27 3.60 0.95
C THR A 323 -12.92 4.18 0.57
N THR A 324 -11.87 3.38 0.69
CA THR A 324 -10.50 3.80 0.38
C THR A 324 -9.80 2.69 -0.36
N GLU A 325 -9.08 3.05 -1.41
CA GLU A 325 -8.31 2.08 -2.17
C GLU A 325 -6.85 2.20 -1.72
N VAL A 326 -6.34 1.12 -1.11
CA VAL A 326 -5.02 1.12 -0.50
C VAL A 326 -3.96 0.61 -1.46
N TRP A 327 -2.98 1.46 -1.76
CA TRP A 327 -1.85 1.06 -2.59
C TRP A 327 -0.63 0.84 -1.70
N THR A 328 0.05 -0.30 -1.86
CA THR A 328 1.19 -0.63 -1.01
C THR A 328 2.42 -0.97 -1.82
N TYR A 329 3.48 -0.15 -1.68
CA TYR A 329 4.74 -0.40 -2.33
C TYR A 329 5.77 -0.74 -1.26
N ALA A 330 6.93 -1.23 -1.69
CA ALA A 330 8.08 -1.39 -0.80
C ALA A 330 9.15 -0.35 -1.13
N ILE A 331 9.76 0.20 -0.11
CA ILE A 331 10.92 1.07 -0.33
C ILE A 331 12.18 0.33 0.09
N VAL A 332 13.23 0.42 -0.73
CA VAL A 332 14.50 -0.20 -0.40
C VAL A 332 15.62 0.81 -0.61
N GLU A 333 16.73 0.63 0.11
CA GLU A 333 17.91 1.46 -0.10
C GLU A 333 18.66 0.98 -1.34
N LYS A 334 18.97 1.90 -2.25
CA LYS A 334 19.58 1.56 -3.53
C LYS A 334 20.83 0.70 -3.42
N ASP A 335 21.63 0.92 -2.39
CA ASP A 335 22.90 0.22 -2.27
C ASP A 335 22.84 -1.09 -1.49
N MET A 336 21.62 -1.53 -1.18
CA MET A 336 21.44 -2.87 -0.61
C MET A 336 21.73 -3.90 -1.68
N PRO A 337 22.25 -5.08 -1.28
CA PRO A 337 22.39 -6.14 -2.28
C PRO A 337 21.03 -6.47 -2.87
N GLU A 338 21.02 -6.82 -4.16
CA GLU A 338 19.76 -7.10 -4.84
C GLU A 338 18.95 -8.21 -4.17
N ASP A 339 19.61 -9.23 -3.65
CA ASP A 339 18.88 -10.32 -3.02
C ASP A 339 18.17 -9.86 -1.76
N LEU A 340 18.82 -8.96 -1.01
CA LEU A 340 18.20 -8.36 0.15
C LEU A 340 17.01 -7.48 -0.23
N LYS A 341 17.17 -6.69 -1.30
CA LYS A 341 16.05 -5.88 -1.80
C LYS A 341 14.84 -6.75 -2.10
N ARG A 342 15.07 -7.88 -2.76
CA ARG A 342 13.98 -8.78 -3.14
C ARG A 342 13.28 -9.34 -1.90
N ARG A 343 14.05 -9.80 -0.93
CA ARG A 343 13.45 -10.35 0.27
C ARG A 343 12.74 -9.30 1.12
N LEU A 344 13.30 -8.09 1.14
CA LEU A 344 12.68 -7.00 1.87
C LEU A 344 11.33 -6.64 1.24
N ALA A 345 11.30 -6.59 -0.09
CA ALA A 345 10.05 -6.28 -0.80
C ALA A 345 8.98 -7.32 -0.51
N ASP A 346 9.33 -8.60 -0.57
CA ASP A 346 8.37 -9.65 -0.23
C ASP A 346 7.90 -9.54 1.20
N SER A 347 8.80 -9.17 2.10
CA SER A 347 8.46 -9.05 3.52
C SER A 347 7.53 -7.86 3.81
N VAL A 348 7.73 -6.76 3.09
CA VAL A 348 6.79 -5.65 3.16
C VAL A 348 5.37 -6.11 2.77
N GLN A 349 5.26 -6.87 1.69
CA GLN A 349 3.94 -7.34 1.28
C GLN A 349 3.40 -8.40 2.22
N ARG A 350 4.28 -9.23 2.75
CA ARG A 350 3.91 -10.28 3.71
C ARG A 350 3.27 -9.70 4.96
N THR A 351 3.77 -8.55 5.40
CA THR A 351 3.31 -7.93 6.63
C THR A 351 2.23 -6.87 6.41
N PHE A 352 2.38 -6.05 5.36
CA PHE A 352 1.48 -4.91 5.16
C PHE A 352 0.79 -4.85 3.80
N GLY A 353 0.97 -5.86 2.96
CA GLY A 353 0.35 -5.89 1.65
C GLY A 353 -1.08 -6.40 1.68
N PRO A 354 -1.61 -6.82 0.51
CA PRO A 354 -2.99 -7.28 0.41
C PRO A 354 -3.30 -8.46 1.34
N ALA A 355 -2.34 -9.35 1.55
CA ALA A 355 -2.47 -10.40 2.55
C ALA A 355 -1.48 -10.13 3.68
N GLY A 356 -1.25 -8.85 3.98
CA GLY A 356 -0.35 -8.51 5.06
C GLY A 356 -0.98 -8.85 6.39
N PHE A 357 -0.34 -9.73 7.16
CA PHE A 357 -0.99 -10.16 8.38
C PHE A 357 -1.01 -9.05 9.45
N TRP A 358 -0.04 -8.14 9.44
CA TRP A 358 -0.11 -6.99 10.33
C TRP A 358 -1.24 -6.06 9.90
N GLU A 359 -1.28 -5.70 8.61
CA GLU A 359 -2.29 -4.77 8.14
C GLU A 359 -3.70 -5.29 8.39
N SER A 360 -3.86 -6.61 8.33
CA SER A 360 -5.15 -7.22 8.60
C SER A 360 -5.65 -6.94 10.02
N ASP A 361 -4.72 -6.82 10.97
CA ASP A 361 -5.07 -6.53 12.36
C ASP A 361 -5.81 -5.20 12.47
N ASP A 362 -5.56 -4.31 11.50
CA ASP A 362 -6.08 -2.94 11.55
C ASP A 362 -7.45 -2.80 10.91
N ASN A 363 -7.86 -3.78 10.09
CA ASN A 363 -9.08 -3.64 9.28
C ASN A 363 -10.32 -3.23 10.07
N ASP A 364 -10.67 -4.02 11.07
CA ASP A 364 -11.91 -3.76 11.80
C ASP A 364 -11.84 -2.43 12.53
N ASN A 365 -10.66 -2.11 13.08
CA ASN A 365 -10.47 -0.84 13.76
C ASN A 365 -10.77 0.32 12.83
N MET A 366 -10.18 0.32 11.63
CA MET A 366 -10.36 1.44 10.70
C MET A 366 -11.76 1.48 10.12
N GLU A 367 -12.27 0.32 9.74
CA GLU A 367 -13.57 0.25 9.09
C GLU A 367 -14.69 0.63 10.04
N THR A 368 -14.69 0.08 11.26
CA THR A 368 -15.79 0.39 12.17
C THR A 368 -15.71 1.82 12.70
N ALA A 369 -14.51 2.30 12.98
CA ALA A 369 -14.38 3.69 13.41
C ALA A 369 -14.91 4.63 12.33
N SER A 370 -14.66 4.31 11.06
CA SER A 370 -15.15 5.13 9.97
C SER A 370 -16.66 5.03 9.82
N GLN A 371 -17.17 3.80 9.81
CA GLN A 371 -18.60 3.58 9.60
C GLN A 371 -19.45 4.13 10.74
N ASN A 372 -18.90 4.12 11.95
CA ASN A 372 -19.62 4.68 13.08
C ASN A 372 -19.84 6.18 12.94
N GLY A 373 -19.00 6.84 12.13
CA GLY A 373 -19.16 8.25 11.86
C GLY A 373 -20.42 8.61 11.12
N LYS A 374 -21.08 7.61 10.51
CA LYS A 374 -22.38 7.81 9.87
C LYS A 374 -23.55 7.60 10.82
N LYS A 375 -23.32 6.91 11.93
CA LYS A 375 -24.42 6.55 12.83
C LYS A 375 -24.94 7.78 13.56
N TYR A 376 -26.27 7.89 13.63
CA TYR A 376 -26.92 9.11 14.10
C TYR A 376 -26.41 9.62 15.45
N GLN A 377 -26.31 8.72 16.43
CA GLN A 377 -25.92 9.13 17.78
C GLN A 377 -24.42 9.40 17.93
N SER A 378 -23.65 9.11 16.89
CA SER A 378 -22.21 9.32 16.94
C SER A 378 -21.70 10.49 16.10
N ARG A 379 -22.50 10.99 15.18
CA ARG A 379 -22.05 12.05 14.27
C ARG A 379 -21.45 13.25 15.02
N ASP A 380 -22.14 13.69 16.06
CA ASP A 380 -21.73 14.87 16.82
C ASP A 380 -20.89 14.51 18.04
N SER A 381 -20.42 13.26 18.10
CA SER A 381 -19.57 12.85 19.21
C SER A 381 -18.12 13.24 18.95
N ASP A 382 -17.31 13.23 20.00
CA ASP A 382 -15.93 13.71 19.91
C ASP A 382 -14.89 12.59 19.96
N LEU A 383 -14.13 12.45 18.88
CA LEU A 383 -12.98 11.58 18.87
C LEU A 383 -11.86 12.28 19.62
N LEU A 384 -11.23 11.59 20.56
CA LEU A 384 -10.21 12.20 21.42
C LEU A 384 -8.77 12.03 20.90
N SER A 385 -8.02 13.13 20.91
CA SER A 385 -6.58 13.04 20.63
C SER A 385 -5.79 13.95 21.58
N ASN A 386 -5.99 13.74 22.88
CA ASN A 386 -5.39 14.60 23.90
C ASN A 386 -4.17 14.01 24.60
N LEU A 387 -3.79 12.79 24.25
CA LEU A 387 -2.66 12.14 24.93
C LEU A 387 -1.37 12.94 24.71
N GLY A 388 -0.76 13.40 25.80
CA GLY A 388 0.48 14.15 25.72
C GLY A 388 0.31 15.65 25.59
N PHE A 389 -0.93 16.09 25.50
CA PHE A 389 -1.17 17.53 25.38
C PHE A 389 -0.68 18.28 26.61
N GLY A 390 0.01 19.38 26.38
CA GLY A 390 0.57 20.17 27.47
C GLY A 390 2.02 19.82 27.72
N GLU A 391 2.54 18.85 26.98
CA GLU A 391 3.96 18.49 27.11
C GLU A 391 4.75 18.58 25.81
N ASP A 392 4.10 19.04 24.75
CA ASP A 392 4.80 19.24 23.48
C ASP A 392 5.63 20.52 23.50
N VAL A 393 6.70 20.52 22.72
CA VAL A 393 7.54 21.72 22.60
C VAL A 393 7.68 22.11 21.14
N TYR A 394 8.18 23.32 20.90
CA TYR A 394 8.53 23.77 19.56
C TYR A 394 9.90 24.44 19.63
N GLY A 395 10.67 24.35 18.55
CA GLY A 395 11.95 25.05 18.47
C GLY A 395 13.08 24.42 19.26
N ASP A 396 12.95 23.12 19.55
CA ASP A 396 13.97 22.42 20.33
C ASP A 396 15.34 22.49 19.66
N ALA A 397 16.40 22.53 20.45
CA ALA A 397 17.75 22.67 19.92
C ALA A 397 18.21 21.46 19.10
N VAL A 398 17.59 20.31 19.33
CA VAL A 398 18.02 19.08 18.66
C VAL A 398 16.99 18.54 17.66
N TYR A 399 15.71 18.56 18.02
CA TYR A 399 14.65 17.95 17.20
C TYR A 399 13.64 19.02 16.79
N PRO A 400 13.51 19.28 15.47
CA PRO A 400 12.65 20.37 15.01
C PRO A 400 11.18 19.99 14.89
N GLY A 401 10.33 21.01 14.87
CA GLY A 401 8.90 20.84 14.75
C GLY A 401 8.19 20.96 16.09
N VAL A 402 6.90 20.66 16.10
CA VAL A 402 6.21 20.47 17.37
C VAL A 402 6.51 19.05 17.78
N VAL A 403 7.13 18.89 18.93
CA VAL A 403 7.71 17.60 19.32
C VAL A 403 7.23 17.16 20.69
N GLY A 404 6.79 15.91 20.77
CA GLY A 404 6.51 15.27 22.03
C GLY A 404 7.65 14.32 22.30
N LYS A 405 8.40 14.58 23.37
CA LYS A 405 9.58 13.78 23.69
C LYS A 405 9.23 12.49 24.43
N SER A 406 8.39 11.68 23.80
CA SER A 406 7.97 10.40 24.32
C SER A 406 7.58 9.53 23.14
N ALA A 407 7.72 8.21 23.29
CA ALA A 407 7.46 7.31 22.17
C ALA A 407 5.99 7.16 21.80
N ILE A 408 5.11 7.25 22.81
CA ILE A 408 3.68 7.02 22.59
C ILE A 408 2.87 8.25 22.97
N GLY A 409 2.13 8.80 22.02
CA GLY A 409 1.30 9.95 22.32
C GLY A 409 0.45 10.34 21.12
N GLU A 410 -0.19 11.50 21.20
CA GLU A 410 -1.08 11.93 20.12
C GLU A 410 -0.69 13.29 19.52
N THR A 411 0.56 13.67 19.73
CA THR A 411 1.12 14.89 19.15
C THR A 411 0.84 15.01 17.65
N SER A 412 1.08 13.92 16.92
CA SER A 412 1.01 14.00 15.47
C SER A 412 -0.43 13.98 14.96
N TYR A 413 -1.35 13.41 15.74
CA TYR A 413 -2.78 13.58 15.46
C TYR A 413 -3.15 15.05 15.52
N ARG A 414 -2.69 15.73 16.57
CA ARG A 414 -3.08 17.12 16.76
C ARG A 414 -2.62 18.01 15.61
N GLY A 415 -1.39 17.81 15.15
CA GLY A 415 -0.86 18.59 14.05
C GLY A 415 -1.55 18.26 12.72
N PHE A 416 -1.86 16.98 12.52
CA PHE A 416 -2.56 16.55 11.32
C PHE A 416 -3.93 17.21 11.24
N TYR A 417 -4.68 17.12 12.33
CA TYR A 417 -6.03 17.67 12.34
C TYR A 417 -6.09 19.20 12.42
N ARG A 418 -5.07 19.82 13.00
CA ARG A 418 -5.00 21.29 12.97
C ARG A 418 -4.90 21.75 11.52
N ALA A 419 -4.02 21.12 10.75
CA ALA A 419 -3.87 21.48 9.35
C ALA A 419 -5.13 21.15 8.54
N TYR A 420 -5.71 19.98 8.80
CA TYR A 420 -6.96 19.58 8.15
C TYR A 420 -8.06 20.64 8.35
N GLN A 421 -8.26 21.07 9.58
CA GLN A 421 -9.30 22.05 9.87
C GLN A 421 -9.02 23.40 9.21
N ALA A 422 -7.75 23.82 9.20
CA ALA A 422 -7.38 25.07 8.53
C ALA A 422 -7.65 25.02 7.02
N HIS A 423 -7.46 23.86 6.39
CA HIS A 423 -7.79 23.73 4.98
C HIS A 423 -9.28 23.69 4.71
N VAL A 424 -10.01 22.86 5.46
CA VAL A 424 -11.46 22.73 5.26
C VAL A 424 -12.20 24.06 5.40
N SER A 425 -11.68 24.93 6.25
CA SER A 425 -12.34 26.21 6.51
C SER A 425 -11.79 27.36 5.66
N SER A 426 -10.89 27.04 4.73
CA SER A 426 -10.23 28.04 3.90
C SER A 426 -10.54 27.85 2.41
N SER A 427 -10.53 28.95 1.66
CA SER A 427 -10.89 28.91 0.23
C SER A 427 -9.67 28.82 -0.68
N ASN A 428 -8.49 29.02 -0.11
CA ASN A 428 -7.25 29.04 -0.88
C ASN A 428 -6.05 28.96 0.04
N TRP A 429 -4.86 28.88 -0.55
CA TRP A 429 -3.63 28.83 0.23
C TRP A 429 -3.41 30.06 1.11
N ALA A 430 -3.74 31.25 0.62
CA ALA A 430 -3.54 32.46 1.42
C ALA A 430 -4.36 32.39 2.70
N GLU A 431 -5.59 31.91 2.58
CA GLU A 431 -6.43 31.78 3.77
C GLU A 431 -5.89 30.70 4.72
N PHE A 432 -5.37 29.60 4.17
CA PHE A 432 -4.75 28.59 5.04
C PHE A 432 -3.58 29.19 5.81
N GLU A 433 -2.75 29.98 5.14
CA GLU A 433 -1.61 30.60 5.80
C GLU A 433 -2.08 31.51 6.93
N HIS A 434 -3.12 32.30 6.67
CA HIS A 434 -3.65 33.20 7.69
C HIS A 434 -4.18 32.40 8.87
N ALA A 435 -4.80 31.26 8.58
CA ALA A 435 -5.36 30.40 9.62
C ALA A 435 -4.28 29.60 10.36
N SER A 436 -3.05 29.68 9.88
CA SER A 436 -1.96 28.88 10.44
C SER A 436 -0.81 29.72 10.99
N SER A 437 -1.02 31.02 11.13
CA SER A 437 0.06 31.93 11.52
C SER A 437 0.53 31.73 12.97
N THR A 438 -0.28 31.04 13.77
CA THR A 438 0.12 30.69 15.14
C THR A 438 0.00 29.18 15.36
N TRP A 439 0.36 28.40 14.35
CA TRP A 439 0.13 26.96 14.38
C TRP A 439 0.85 26.26 15.54
N HIS A 440 2.12 26.60 15.78
CA HIS A 440 2.84 25.87 16.81
C HIS A 440 2.44 26.31 18.21
N THR A 441 2.12 27.59 18.36
CA THR A 441 1.60 28.09 19.62
C THR A 441 0.31 27.36 20.01
N GLU A 442 -0.59 27.18 19.04
CA GLU A 442 -1.83 26.47 19.30
C GLU A 442 -1.56 25.04 19.77
N LEU A 443 -0.58 24.38 19.16
CA LEU A 443 -0.30 22.99 19.49
C LEU A 443 0.42 22.78 20.83
N THR A 444 1.15 23.80 21.30
CA THR A 444 1.92 23.64 22.54
C THR A 444 1.26 24.27 23.78
N LYS A 445 0.01 24.71 23.62
CA LYS A 445 -0.75 25.28 24.74
C LYS A 445 -0.80 24.41 26.00
N THR A 446 -1.12 25.04 27.13
CA THR A 446 -1.05 24.42 28.45
C THR A 446 0.34 23.85 28.72
N ILE B 1 -0.30 -25.78 -28.56
CA ILE B 1 -0.81 -24.49 -29.00
C ILE B 1 0.27 -23.65 -29.66
N ASN B 2 -0.04 -23.09 -30.83
CA ASN B 2 0.84 -22.13 -31.48
C ASN B 2 0.47 -20.72 -31.02
N ILE B 3 1.30 -20.13 -30.16
CA ILE B 3 0.97 -18.82 -29.61
C ILE B 3 1.21 -17.68 -30.59
N GLN B 4 1.82 -17.97 -31.74
CA GLN B 4 1.90 -16.96 -32.79
C GLN B 4 0.55 -16.83 -33.49
N GLU B 5 -0.19 -17.93 -33.56
CA GLU B 5 -1.54 -17.93 -34.12
C GLU B 5 -2.58 -17.56 -33.07
N ASP B 6 -2.52 -18.23 -31.91
CA ASP B 6 -3.45 -17.94 -30.82
C ASP B 6 -2.86 -16.77 -30.03
N LYS B 7 -3.12 -15.57 -30.53
CA LYS B 7 -2.39 -14.36 -30.14
C LYS B 7 -2.55 -13.97 -28.68
N LEU B 8 -3.61 -14.44 -28.03
CA LEU B 8 -3.90 -14.02 -26.66
C LEU B 8 -3.26 -14.95 -25.62
N VAL B 9 -2.63 -16.02 -26.07
CA VAL B 9 -2.12 -17.06 -25.17
C VAL B 9 -0.67 -16.81 -24.77
N SER B 10 -0.40 -16.88 -23.48
CA SER B 10 0.97 -16.71 -22.99
C SER B 10 1.76 -18.01 -23.15
N ALA B 11 3.08 -17.89 -23.26
CA ALA B 11 3.92 -19.07 -23.37
C ALA B 11 3.73 -20.00 -22.16
N HIS B 12 3.62 -19.41 -20.97
CA HIS B 12 3.42 -20.20 -19.76
C HIS B 12 2.14 -21.01 -19.82
N ASP B 13 1.05 -20.37 -20.23
CA ASP B 13 -0.23 -21.06 -20.29
C ASP B 13 -0.22 -22.20 -21.32
N ALA B 14 0.44 -21.96 -22.45
CA ALA B 14 0.55 -22.98 -23.49
C ALA B 14 1.32 -24.20 -22.99
N GLU B 15 2.34 -23.98 -22.16
CA GLU B 15 3.12 -25.07 -21.59
C GLU B 15 2.30 -25.94 -20.65
N GLU B 16 1.40 -25.32 -19.90
CA GLU B 16 0.58 -26.05 -18.94
C GLU B 16 -0.52 -26.89 -19.61
N ILE B 17 -1.06 -26.39 -20.72
CA ILE B 17 -1.99 -27.16 -21.55
C ILE B 17 -1.34 -28.47 -21.98
N LEU B 18 -0.13 -28.35 -22.52
CA LEU B 18 0.62 -29.49 -23.05
C LEU B 18 0.76 -30.60 -22.00
N ARG B 19 0.92 -30.19 -20.75
CA ARG B 19 1.16 -31.12 -19.66
C ARG B 19 0.00 -32.10 -19.40
N PHE B 20 -1.23 -31.63 -19.60
CA PHE B 20 -2.40 -32.44 -19.28
C PHE B 20 -3.03 -33.08 -20.49
N PHE B 21 -2.64 -32.64 -21.67
CA PHE B 21 -3.26 -33.16 -22.87
C PHE B 21 -2.71 -34.51 -23.29
N ASN B 22 -1.58 -34.90 -22.72
CA ASN B 22 -0.99 -36.17 -23.14
C ASN B 22 -1.36 -37.40 -22.31
N CYS B 23 -0.48 -37.93 -21.48
CA CYS B 23 -0.86 -39.15 -20.75
C CYS B 23 -1.97 -38.90 -19.74
N HIS B 24 -3.23 -39.06 -20.17
CA HIS B 24 -4.33 -38.97 -19.23
C HIS B 24 -4.43 -40.25 -18.39
N ASP B 25 -4.34 -40.07 -17.07
CA ASP B 25 -4.49 -41.17 -16.13
C ASP B 25 -5.72 -40.89 -15.30
N SER B 26 -6.80 -41.61 -15.55
CA SER B 26 -8.06 -41.38 -14.85
C SER B 26 -7.93 -41.58 -13.33
N ALA B 27 -7.18 -42.60 -12.91
CA ALA B 27 -7.00 -42.88 -11.49
C ALA B 27 -6.30 -41.74 -10.79
N LEU B 28 -5.35 -41.12 -11.50
CA LEU B 28 -4.60 -40.00 -10.97
C LEU B 28 -5.51 -38.78 -10.78
N GLN B 29 -6.42 -38.56 -11.71
CA GLN B 29 -7.35 -37.44 -11.59
C GLN B 29 -8.21 -37.61 -10.35
N GLN B 30 -8.59 -38.86 -10.08
CA GLN B 30 -9.42 -39.13 -8.92
C GLN B 30 -8.65 -39.03 -7.60
N GLU B 31 -7.41 -39.52 -7.57
CA GLU B 31 -6.52 -39.32 -6.41
C GLU B 31 -6.34 -37.83 -6.12
N ALA B 32 -6.11 -37.05 -7.17
CA ALA B 32 -5.92 -35.61 -7.03
C ALA B 32 -7.18 -34.94 -6.48
N THR B 33 -8.34 -35.40 -6.94
CA THR B 33 -9.62 -34.85 -6.46
C THR B 33 -9.79 -35.09 -4.96
N THR B 34 -9.49 -36.29 -4.51
CA THR B 34 -9.58 -36.64 -3.10
C THR B 34 -8.63 -35.76 -2.28
N LEU B 35 -7.39 -35.66 -2.75
CA LEU B 35 -6.34 -34.90 -2.09
C LEU B 35 -6.77 -33.44 -1.87
N LEU B 36 -7.31 -32.84 -2.92
CA LEU B 36 -7.71 -31.44 -2.87
C LEU B 36 -9.00 -31.23 -2.05
N THR B 37 -9.91 -32.19 -2.12
CA THR B 37 -11.14 -32.09 -1.34
C THR B 37 -10.83 -32.19 0.16
N GLN B 38 -9.91 -33.08 0.52
CA GLN B 38 -9.51 -33.23 1.91
C GLN B 38 -8.76 -31.99 2.40
N GLU B 39 -7.87 -31.46 1.56
CA GLU B 39 -7.18 -30.22 1.92
C GLU B 39 -8.17 -29.09 2.18
N ALA B 40 -9.15 -28.93 1.29
CA ALA B 40 -10.15 -27.87 1.43
C ALA B 40 -11.02 -28.04 2.68
N HIS B 41 -11.29 -29.29 3.04
CA HIS B 41 -12.07 -29.58 4.24
C HIS B 41 -11.31 -29.11 5.49
N LEU B 42 -10.03 -29.48 5.57
CA LEU B 42 -9.18 -29.05 6.67
C LEU B 42 -9.13 -27.52 6.77
N LEU B 43 -8.96 -26.85 5.64
CA LEU B 43 -8.94 -25.39 5.64
C LEU B 43 -10.29 -24.80 6.04
N ASP B 44 -11.38 -25.38 5.54
CA ASP B 44 -12.71 -24.83 5.82
C ASP B 44 -13.08 -24.87 7.29
N ILE B 45 -12.63 -25.91 8.00
CA ILE B 45 -12.91 -26.03 9.43
C ILE B 45 -11.83 -25.34 10.27
N GLN B 46 -10.91 -24.66 9.58
CA GLN B 46 -9.85 -23.88 10.21
C GLN B 46 -8.88 -24.73 11.02
N ALA B 47 -8.69 -25.96 10.55
CA ALA B 47 -7.69 -26.87 11.12
C ALA B 47 -6.34 -26.59 10.47
N TYR B 48 -5.82 -25.39 10.73
CA TYR B 48 -4.62 -24.93 10.06
C TYR B 48 -3.38 -25.75 10.43
N ARG B 49 -3.27 -26.18 11.69
CA ARG B 49 -2.14 -27.02 12.06
C ARG B 49 -2.20 -28.36 11.34
N ALA B 50 -3.39 -28.96 11.31
CA ALA B 50 -3.59 -30.22 10.58
C ALA B 50 -3.27 -30.05 9.10
N TRP B 51 -3.65 -28.90 8.53
CA TRP B 51 -3.33 -28.61 7.14
C TRP B 51 -1.82 -28.63 6.92
N LEU B 52 -1.07 -27.94 7.78
CA LEU B 52 0.39 -27.95 7.66
C LEU B 52 0.96 -29.36 7.78
N GLU B 53 0.47 -30.11 8.77
CA GLU B 53 1.01 -31.43 9.06
C GLU B 53 0.70 -32.45 7.97
N HIS B 54 -0.50 -32.36 7.40
CA HIS B 54 -0.98 -33.40 6.50
C HIS B 54 -0.88 -33.02 5.03
N CYS B 55 -0.84 -31.73 4.73
CA CYS B 55 -0.97 -31.28 3.35
C CYS B 55 0.23 -30.52 2.79
N VAL B 56 1.11 -30.03 3.65
CA VAL B 56 2.13 -29.08 3.22
C VAL B 56 3.53 -29.62 3.41
N GLY B 57 4.29 -29.70 2.32
CA GLY B 57 5.64 -30.23 2.37
C GLY B 57 6.65 -29.25 2.96
N SER B 58 7.71 -29.78 3.56
CA SER B 58 8.72 -28.93 4.18
C SER B 58 9.38 -27.97 3.19
N GLU B 59 9.47 -28.37 1.91
CA GLU B 59 10.13 -27.55 0.90
C GLU B 59 9.17 -26.64 0.12
N VAL B 60 7.98 -26.43 0.66
CA VAL B 60 6.93 -25.71 -0.07
C VAL B 60 7.32 -24.28 -0.46
N GLN B 61 6.87 -23.87 -1.65
CA GLN B 61 6.73 -22.46 -2.01
C GLN B 61 5.25 -22.23 -2.27
N TYR B 62 4.65 -21.36 -1.48
CA TYR B 62 3.22 -21.06 -1.57
C TYR B 62 3.11 -19.62 -2.05
N GLN B 63 2.73 -19.44 -3.31
CA GLN B 63 2.87 -18.14 -3.97
C GLN B 63 1.59 -17.69 -4.66
N VAL B 64 1.17 -16.47 -4.35
CA VAL B 64 0.05 -15.82 -5.01
C VAL B 64 0.55 -14.47 -5.51
N ILE B 65 0.47 -14.23 -6.81
CA ILE B 65 0.97 -12.96 -7.35
C ILE B 65 -0.15 -12.04 -7.82
N SER B 66 0.17 -10.75 -7.90
CA SER B 66 -0.70 -9.77 -8.52
C SER B 66 0.10 -9.07 -9.60
N ARG B 67 -0.38 -9.21 -10.84
CA ARG B 67 0.30 -8.74 -12.03
C ARG B 67 -0.18 -7.34 -12.40
N GLU B 68 0.76 -6.42 -12.61
CA GLU B 68 0.43 -5.06 -13.01
C GLU B 68 -0.23 -5.09 -14.38
N LEU B 69 -1.25 -4.24 -14.58
CA LEU B 69 -1.92 -4.16 -15.87
C LEU B 69 -1.03 -3.42 -16.87
N ARG B 70 -0.69 -4.10 -17.97
CA ARG B 70 0.19 -3.55 -18.99
C ARG B 70 -0.49 -3.69 -20.35
N ALA B 71 -0.04 -2.90 -21.33
CA ALA B 71 -0.64 -2.95 -22.65
C ALA B 71 -0.37 -4.30 -23.30
N ALA B 72 -1.34 -4.82 -24.03
CA ALA B 72 -1.15 -6.08 -24.75
C ALA B 72 0.03 -5.98 -25.72
N SER B 73 0.28 -4.79 -26.25
CA SER B 73 1.33 -4.57 -27.23
C SER B 73 2.67 -4.12 -26.62
N GLU B 74 2.72 -4.04 -25.29
CA GLU B 74 3.92 -3.55 -24.61
C GLU B 74 5.15 -4.43 -24.85
N ARG B 75 6.24 -3.81 -25.25
CA ARG B 75 7.49 -4.49 -25.55
C ARG B 75 8.74 -3.82 -24.99
N ARG B 76 8.59 -2.63 -24.42
CA ARG B 76 9.75 -1.85 -23.95
C ARG B 76 9.88 -1.77 -22.44
N TYR B 77 8.76 -1.54 -21.75
CA TYR B 77 8.77 -1.38 -20.30
C TYR B 77 9.01 -2.73 -19.64
N LYS B 78 10.12 -2.81 -18.88
CA LYS B 78 10.71 -4.08 -18.44
C LYS B 78 10.72 -4.33 -16.94
N LEU B 79 10.17 -3.39 -16.16
CA LEU B 79 10.28 -3.47 -14.70
C LEU B 79 9.36 -4.54 -14.13
N ASN B 80 9.62 -4.90 -12.88
CA ASN B 80 8.91 -5.96 -12.15
C ASN B 80 7.45 -6.05 -12.56
N GLU B 81 7.06 -7.18 -13.15
CA GLU B 81 5.71 -7.34 -13.68
C GLU B 81 4.69 -7.63 -12.60
N ALA B 82 5.13 -8.19 -11.49
CA ALA B 82 4.19 -8.64 -10.47
C ALA B 82 4.73 -8.42 -9.08
N MET B 83 3.84 -8.37 -8.11
CA MET B 83 4.24 -8.45 -6.71
C MET B 83 3.68 -9.72 -6.07
N ASN B 84 4.26 -10.10 -4.92
CA ASN B 84 3.86 -11.32 -4.22
C ASN B 84 2.90 -11.01 -3.09
N VAL B 85 1.62 -11.34 -3.28
CA VAL B 85 0.65 -11.28 -2.20
C VAL B 85 1.04 -12.33 -1.15
N TYR B 86 1.41 -13.52 -1.63
CA TYR B 86 2.06 -14.56 -0.81
C TYR B 86 3.30 -15.02 -1.56
N ASN B 87 4.37 -15.32 -0.82
CA ASN B 87 5.49 -16.08 -1.38
C ASN B 87 6.21 -16.74 -0.22
N GLU B 88 5.59 -17.80 0.28
CA GLU B 88 5.90 -18.33 1.60
C GLU B 88 6.61 -19.67 1.56
N ASN B 89 7.63 -19.79 2.40
CA ASN B 89 8.19 -21.11 2.71
C ASN B 89 7.40 -21.71 3.88
N PHE B 90 7.79 -22.91 4.32
CA PHE B 90 7.05 -23.57 5.40
C PHE B 90 7.04 -22.74 6.68
N GLN B 91 8.19 -22.20 7.07
CA GLN B 91 8.24 -21.39 8.29
C GLN B 91 7.34 -20.16 8.21
N GLN B 92 7.27 -19.56 7.02
CA GLN B 92 6.41 -18.40 6.83
C GLN B 92 4.93 -18.77 6.88
N LEU B 93 4.57 -19.92 6.32
CA LEU B 93 3.23 -20.45 6.51
C LEU B 93 2.93 -20.70 7.99
N LYS B 94 3.90 -21.25 8.71
CA LYS B 94 3.71 -21.50 10.13
C LYS B 94 3.44 -20.22 10.91
N VAL B 95 4.15 -19.14 10.56
CA VAL B 95 3.91 -17.85 11.20
C VAL B 95 2.46 -17.42 10.97
N ARG B 96 1.98 -17.57 9.75
CA ARG B 96 0.61 -17.17 9.42
C ARG B 96 -0.41 -18.04 10.16
N VAL B 97 -0.09 -19.33 10.32
CA VAL B 97 -0.96 -20.23 11.07
C VAL B 97 -1.01 -19.85 12.56
N GLU B 98 0.14 -19.54 13.15
CA GLU B 98 0.17 -19.12 14.55
C GLU B 98 -0.60 -17.81 14.74
N HIS B 99 -0.51 -16.92 13.75
CA HIS B 99 -1.25 -15.67 13.80
C HIS B 99 -2.76 -15.92 13.79
N GLN B 100 -3.20 -16.87 12.97
CA GLN B 100 -4.62 -17.24 12.96
C GLN B 100 -5.08 -17.84 14.30
N LEU B 101 -4.22 -18.62 14.95
CA LEU B 101 -4.61 -19.36 16.15
C LEU B 101 -4.42 -18.57 17.44
N ASP B 102 -3.77 -17.42 17.36
CA ASP B 102 -3.45 -16.64 18.55
C ASP B 102 -4.73 -16.14 19.21
N PRO B 103 -4.87 -16.32 20.53
CA PRO B 103 -6.11 -15.90 21.18
C PRO B 103 -6.29 -14.38 21.22
N GLN B 104 -5.27 -13.62 20.83
CA GLN B 104 -5.41 -12.17 20.75
C GLN B 104 -5.54 -11.69 19.31
N ASN B 105 -5.85 -12.61 18.41
CA ASN B 105 -6.25 -12.20 17.08
C ASN B 105 -7.71 -11.80 17.17
N TRP B 106 -7.93 -10.52 17.44
CA TRP B 106 -9.27 -10.01 17.72
C TRP B 106 -10.23 -10.21 16.55
N GLY B 107 -9.70 -10.19 15.33
CA GLY B 107 -10.51 -10.33 14.14
C GLY B 107 -11.13 -11.69 13.98
N ASN B 108 -10.64 -12.68 14.72
CA ASN B 108 -11.18 -14.03 14.63
C ASN B 108 -12.28 -14.33 15.66
N SER B 109 -12.77 -13.29 16.32
CA SER B 109 -13.91 -13.45 17.22
C SER B 109 -14.94 -12.38 16.87
N PRO B 110 -16.17 -12.80 16.53
CA PRO B 110 -16.66 -14.18 16.45
C PRO B 110 -16.01 -14.99 15.34
N LYS B 111 -16.00 -16.31 15.49
CA LYS B 111 -15.32 -17.22 14.57
C LYS B 111 -15.79 -17.00 13.13
N LEU B 112 -14.82 -16.95 12.21
CA LEU B 112 -15.09 -16.79 10.78
C LEU B 112 -15.74 -18.07 10.24
N ARG B 113 -16.35 -17.96 9.06
CA ARG B 113 -16.90 -19.12 8.38
C ARG B 113 -16.37 -19.21 6.96
N PHE B 114 -15.77 -20.35 6.63
CA PHE B 114 -15.21 -20.59 5.31
C PHE B 114 -15.92 -21.71 4.59
N THR B 115 -16.13 -21.55 3.29
CA THR B 115 -16.65 -22.60 2.44
C THR B 115 -15.90 -22.57 1.11
N ARG B 116 -15.25 -23.67 0.76
CA ARG B 116 -14.45 -23.76 -0.47
C ARG B 116 -15.06 -24.70 -1.49
N PHE B 117 -14.99 -24.31 -2.76
CA PHE B 117 -15.53 -25.10 -3.85
C PHE B 117 -14.39 -25.35 -4.85
N ILE B 118 -13.96 -26.61 -4.93
CA ILE B 118 -12.83 -26.98 -5.77
C ILE B 118 -13.35 -27.70 -7.01
N THR B 119 -12.96 -27.21 -8.19
CA THR B 119 -13.44 -27.78 -9.45
C THR B 119 -12.33 -27.88 -10.48
N ASN B 120 -12.65 -28.46 -11.64
CA ASN B 120 -11.75 -28.49 -12.80
C ASN B 120 -10.40 -29.12 -12.48
N VAL B 121 -10.43 -30.22 -11.74
CA VAL B 121 -9.19 -30.88 -11.34
C VAL B 121 -8.55 -31.61 -12.53
N GLN B 122 -7.26 -31.34 -12.73
CA GLN B 122 -6.46 -32.09 -13.70
C GLN B 122 -5.17 -32.52 -13.01
N ALA B 123 -4.66 -33.68 -13.38
CA ALA B 123 -3.44 -34.21 -12.77
C ALA B 123 -2.55 -34.89 -13.79
N ALA B 124 -1.25 -34.68 -13.66
CA ALA B 124 -0.29 -35.37 -14.52
C ALA B 124 1.04 -35.52 -13.79
N MET B 125 1.65 -36.69 -13.90
CA MET B 125 2.98 -36.88 -13.34
C MET B 125 4.01 -36.09 -14.14
N ASP B 126 5.01 -35.56 -13.45
CA ASP B 126 6.13 -34.93 -14.11
C ASP B 126 6.87 -35.96 -14.97
N VAL B 127 7.39 -35.50 -16.11
CA VAL B 127 8.11 -36.36 -17.05
C VAL B 127 9.47 -36.78 -16.50
N ASN B 128 10.17 -35.83 -15.89
CA ASN B 128 11.55 -36.06 -15.44
C ASN B 128 11.64 -36.53 -13.99
N ASP B 129 10.76 -36.03 -13.14
CA ASP B 129 10.67 -36.48 -11.76
C ASP B 129 9.41 -37.32 -11.60
N LYS B 130 9.54 -38.64 -11.72
CA LYS B 130 8.37 -39.51 -11.66
C LYS B 130 7.69 -39.55 -10.30
N GLU B 131 8.21 -38.79 -9.33
CA GLU B 131 7.59 -38.69 -8.03
C GLU B 131 6.94 -37.32 -7.83
N LEU B 132 6.94 -36.50 -8.87
CA LEU B 132 6.34 -35.18 -8.78
C LEU B 132 5.00 -35.17 -9.52
N LEU B 133 3.95 -34.78 -8.81
CA LEU B 133 2.62 -34.75 -9.39
C LEU B 133 2.13 -33.31 -9.61
N HIS B 134 1.85 -32.97 -10.87
CA HIS B 134 1.27 -31.68 -11.20
C HIS B 134 -0.24 -31.78 -11.05
N ILE B 135 -0.82 -30.85 -10.30
CA ILE B 135 -2.27 -30.78 -10.13
C ILE B 135 -2.74 -29.37 -10.40
N ARG B 136 -3.71 -29.24 -11.31
CA ARG B 136 -4.36 -27.95 -11.57
C ARG B 136 -5.78 -28.02 -11.05
N SER B 137 -6.25 -26.96 -10.43
CA SER B 137 -7.64 -26.90 -9.97
C SER B 137 -8.06 -25.46 -9.77
N ASN B 138 -9.37 -25.21 -9.82
CA ASN B 138 -9.90 -23.88 -9.61
C ASN B 138 -10.65 -23.85 -8.29
N VAL B 139 -10.60 -22.70 -7.61
CA VAL B 139 -11.28 -22.55 -6.34
C VAL B 139 -12.18 -21.33 -6.30
N ILE B 140 -13.39 -21.51 -5.78
CA ILE B 140 -14.19 -20.42 -5.24
C ILE B 140 -14.12 -20.52 -3.73
N LEU B 141 -13.74 -19.44 -3.08
CA LEU B 141 -13.62 -19.43 -1.63
C LEU B 141 -14.54 -18.34 -1.07
N HIS B 142 -15.49 -18.76 -0.23
CA HIS B 142 -16.46 -17.88 0.39
C HIS B 142 -16.08 -17.69 1.86
N ARG B 143 -15.88 -16.44 2.27
CA ARG B 143 -15.58 -16.12 3.67
C ARG B 143 -16.67 -15.21 4.23
N ALA B 144 -17.28 -15.60 5.34
CA ALA B 144 -18.34 -14.80 5.94
C ALA B 144 -17.99 -14.51 7.37
N ARG B 145 -18.22 -13.28 7.79
CA ARG B 145 -17.92 -12.90 9.18
C ARG B 145 -18.77 -11.72 9.60
N ARG B 146 -18.99 -11.63 10.91
CA ARG B 146 -19.54 -10.43 11.53
C ARG B 146 -20.88 -9.96 10.98
N GLY B 147 -21.76 -10.93 10.77
CA GLY B 147 -23.14 -10.66 10.40
C GLY B 147 -23.35 -10.49 8.92
N ASN B 148 -22.69 -9.49 8.33
CA ASN B 148 -22.98 -9.13 6.95
C ASN B 148 -21.77 -8.89 6.07
N GLN B 149 -20.60 -9.35 6.51
CA GLN B 149 -19.43 -9.29 5.63
C GLN B 149 -19.32 -10.61 4.87
N VAL B 150 -19.26 -10.50 3.55
CA VAL B 150 -19.15 -11.67 2.68
C VAL B 150 -18.14 -11.35 1.60
N ASP B 151 -17.10 -12.17 1.51
CA ASP B 151 -16.07 -12.00 0.50
C ASP B 151 -15.91 -13.29 -0.26
N VAL B 152 -15.92 -13.20 -1.60
CA VAL B 152 -15.77 -14.36 -2.44
C VAL B 152 -14.56 -14.22 -3.34
N PHE B 153 -13.71 -15.23 -3.27
CA PHE B 153 -12.44 -15.26 -4.03
C PHE B 153 -12.54 -16.31 -5.13
N TYR B 154 -11.86 -16.04 -6.24
CA TYR B 154 -11.90 -16.92 -7.42
C TYR B 154 -10.49 -17.06 -7.96
N ALA B 155 -10.03 -18.28 -8.22
CA ALA B 155 -8.65 -18.46 -8.66
C ALA B 155 -8.39 -19.81 -9.28
N ALA B 156 -7.39 -19.85 -10.16
CA ALA B 156 -6.81 -21.10 -10.66
C ALA B 156 -5.50 -21.36 -9.93
N ARG B 157 -5.29 -22.63 -9.58
CA ARG B 157 -4.11 -23.03 -8.80
C ARG B 157 -3.26 -24.00 -9.59
N GLU B 158 -1.99 -23.65 -9.77
CA GLU B 158 -1.02 -24.56 -10.36
C GLU B 158 -0.18 -25.17 -9.25
N ASP B 159 -0.42 -26.44 -8.95
CA ASP B 159 0.24 -27.10 -7.82
C ASP B 159 1.23 -28.16 -8.27
N LYS B 160 2.25 -28.38 -7.44
CA LYS B 160 3.07 -29.59 -7.49
C LYS B 160 2.97 -30.27 -6.13
N TRP B 161 2.69 -31.56 -6.14
CA TRP B 161 2.57 -32.36 -4.93
C TRP B 161 3.57 -33.52 -4.98
N LYS B 162 4.12 -33.90 -3.83
CA LYS B 162 5.10 -34.98 -3.79
C LYS B 162 4.94 -35.81 -2.53
N ARG B 163 5.19 -37.12 -2.63
CA ARG B 163 5.13 -38.00 -1.44
C ARG B 163 6.20 -37.65 -0.41
N GLY B 164 5.77 -37.41 0.82
CA GLY B 164 6.67 -37.03 1.90
C GLY B 164 6.65 -38.07 3.01
N GLU B 165 6.63 -37.59 4.26
CA GLU B 165 6.65 -38.48 5.41
C GLU B 165 5.47 -39.44 5.43
N GLY B 166 5.76 -40.73 5.61
CA GLY B 166 4.74 -41.75 5.66
C GLY B 166 4.12 -42.04 4.31
N GLY B 167 4.70 -41.47 3.26
CA GLY B 167 4.19 -41.68 1.91
C GLY B 167 3.00 -40.79 1.58
N VAL B 168 2.71 -39.82 2.44
CA VAL B 168 1.57 -38.93 2.25
C VAL B 168 1.93 -37.84 1.24
N ARG B 169 1.10 -37.67 0.21
CA ARG B 169 1.34 -36.64 -0.80
C ARG B 169 1.12 -35.25 -0.22
N LYS B 170 2.10 -34.36 -0.41
CA LYS B 170 2.04 -33.03 0.18
C LYS B 170 2.40 -31.98 -0.83
N LEU B 171 1.87 -30.78 -0.60
CA LEU B 171 2.07 -29.65 -1.49
C LEU B 171 3.51 -29.15 -1.41
N VAL B 172 4.21 -29.13 -2.55
CA VAL B 172 5.56 -28.57 -2.57
C VAL B 172 5.62 -27.25 -3.35
N GLN B 173 4.60 -26.98 -4.15
CA GLN B 173 4.47 -25.67 -4.78
C GLN B 173 3.01 -25.37 -5.07
N ARG B 174 2.55 -24.17 -4.72
CA ARG B 174 1.29 -23.66 -5.24
C ARG B 174 1.58 -22.31 -5.86
N PHE B 175 1.07 -22.11 -7.08
CA PHE B 175 1.19 -20.85 -7.76
C PHE B 175 -0.19 -20.38 -8.20
N VAL B 176 -0.56 -19.17 -7.79
CA VAL B 176 -1.80 -18.54 -8.23
C VAL B 176 -1.46 -17.16 -8.77
N ASP B 177 -1.98 -16.85 -9.97
CA ASP B 177 -1.87 -15.52 -10.55
C ASP B 177 -3.26 -14.92 -10.33
N TYR B 178 -3.43 -14.09 -9.30
CA TYR B 178 -4.77 -13.71 -8.87
C TYR B 178 -5.47 -12.88 -9.95
N PRO B 179 -6.71 -13.24 -10.32
CA PRO B 179 -7.27 -12.62 -11.54
C PRO B 179 -7.77 -11.19 -11.39
N GLU B 180 -8.07 -10.75 -10.17
CA GLU B 180 -8.54 -9.39 -9.95
C GLU B 180 -7.38 -8.53 -9.48
N ARG B 181 -7.10 -7.44 -10.19
CA ARG B 181 -5.96 -6.60 -9.87
C ARG B 181 -6.18 -5.80 -8.58
N ILE B 182 -7.36 -5.19 -8.43
CA ILE B 182 -7.69 -4.47 -7.22
C ILE B 182 -8.65 -5.30 -6.40
N LEU B 183 -8.22 -5.75 -5.22
CA LEU B 183 -9.07 -6.61 -4.42
C LEU B 183 -10.28 -5.84 -3.87
N GLN B 184 -11.44 -6.49 -3.91
CA GLN B 184 -12.69 -5.93 -3.38
C GLN B 184 -13.22 -6.80 -2.25
N THR B 185 -12.29 -7.41 -1.51
CA THR B 185 -12.59 -8.36 -0.46
C THR B 185 -11.98 -7.96 0.89
N HIS B 186 -11.63 -6.67 1.04
CA HIS B 186 -10.98 -6.10 2.24
C HIS B 186 -9.50 -6.51 2.39
N ASN B 187 -9.18 -7.75 2.04
CA ASN B 187 -7.82 -8.27 2.08
C ASN B 187 -7.81 -9.62 1.36
N LEU B 188 -6.63 -10.23 1.25
CA LEU B 188 -6.52 -11.58 0.69
C LEU B 188 -6.02 -12.54 1.77
N MET B 189 -6.50 -12.32 2.99
CA MET B 189 -6.07 -13.13 4.14
C MET B 189 -6.75 -14.49 4.21
N VAL B 190 -6.74 -15.22 3.09
CA VAL B 190 -7.29 -16.57 3.04
C VAL B 190 -6.27 -17.44 2.33
N PHE B 191 -6.23 -18.72 2.67
CA PHE B 191 -5.37 -19.66 1.97
C PHE B 191 -6.12 -20.19 0.75
N LEU B 192 -5.74 -19.70 -0.42
CA LEU B 192 -6.26 -20.23 -1.67
C LEU B 192 -5.65 -21.57 -1.95
FE1 FES C . -13.30 11.31 -29.08
FE2 FES C . -11.33 10.70 -27.37
S1 FES C . -11.18 10.93 -29.54
S2 FES C . -13.48 10.91 -26.91
FE FE D . -1.71 -0.93 12.88
C01 15O E . 1.28 2.53 12.24
C02 15O E . 1.73 1.29 11.77
C03 15O E . 2.85 0.69 12.33
C04 15O E . 3.56 1.35 13.38
C05 15O E . 3.12 2.56 13.84
C06 15O E . 1.95 3.17 13.27
C07 15O E . 3.80 3.22 14.90
C08 15O E . 4.93 2.64 15.47
C09 15O E . 5.39 1.42 15.00
C10 15O E . 4.73 0.75 13.98
CL1 15O E . 5.34 -0.78 13.45
C1 EDO F . -8.67 16.30 -6.48
O1 EDO F . -8.71 16.91 -7.79
C2 EDO F . -10.02 15.73 -6.08
O2 EDO F . -10.30 14.48 -6.74
C1 EDO G . -16.73 9.22 19.30
O1 EDO G . -18.00 8.68 18.87
C2 EDO G . -16.36 8.83 20.72
O2 EDO G . -17.27 9.38 21.69
S SO4 H . -2.93 24.07 -34.38
O1 SO4 H . -3.99 23.14 -34.73
O2 SO4 H . -3.19 24.67 -33.08
O3 SO4 H . -1.65 23.36 -34.34
O4 SO4 H . -2.85 25.12 -35.40
C1 EDO I . 0.13 2.12 -11.24
O1 EDO I . -1.27 2.30 -11.47
C2 EDO I . 0.26 1.09 -10.12
O2 EDO I . 0.02 -0.25 -10.56
C1 EDO J . 12.08 0.96 -17.47
O1 EDO J . 12.60 2.02 -18.28
C2 EDO J . 12.69 -0.36 -17.90
O2 EDO J . 12.03 -0.82 -19.09
C1 EDO K . -5.72 8.41 -39.97
O1 EDO K . -5.59 8.73 -38.58
C2 EDO K . -6.29 9.60 -40.72
O2 EDO K . -5.49 10.78 -40.48
S SO4 L . 5.79 29.85 11.20
O1 SO4 L . 4.41 29.96 10.76
O2 SO4 L . 5.90 30.25 12.60
O3 SO4 L . 6.26 28.47 11.01
O4 SO4 L . 6.63 30.73 10.40
C1 EDO M . -4.27 -17.22 5.58
O1 EDO M . -4.24 -15.83 5.28
C2 EDO M . -5.11 -17.46 6.83
O2 EDO M . -6.51 -17.27 6.55
C1 EDO N . -1.73 -19.62 -13.05
O1 EDO N . -2.75 -19.60 -14.04
C2 EDO N . -2.39 -19.91 -11.72
O2 EDO N . -3.38 -18.91 -11.42
S SO4 O . 9.77 -17.00 -8.41
O1 SO4 O . 8.71 -16.01 -8.23
O2 SO4 O . 10.06 -17.67 -7.15
O3 SO4 O . 9.34 -17.99 -9.40
O4 SO4 O . 10.98 -16.33 -8.89
S SO4 P . 7.50 -33.68 4.64
O1 SO4 P . 6.41 -34.64 4.82
O2 SO4 P . 7.62 -32.84 5.81
O3 SO4 P . 8.75 -34.39 4.41
O4 SO4 P . 7.26 -32.84 3.47
C1 EDO Q . 6.80 -11.87 -9.93
O1 EDO Q . 6.48 -11.68 -8.53
C2 EDO Q . 7.99 -11.04 -10.41
O2 EDO Q . 7.62 -9.97 -11.31
#